data_3SLB
#
_entry.id   3SLB
#
_cell.length_a   72.473
_cell.length_b   110.630
_cell.length_c   73.780
_cell.angle_alpha   90.00
_cell.angle_beta   112.24
_cell.angle_gamma   90.00
#
_symmetry.space_group_name_H-M   'P 1 21 1'
#
loop_
_entity.id
_entity.type
_entity.pdbx_description
1 polymer 'Aminoglycoside N3-acetyltransferase'
2 non-polymer 'ACETYL COENZYME *A'
3 non-polymer 6-AMINOPYRIMIDIN-2(1H)-ONE
4 non-polymer 'MAGNESIUM ION'
5 non-polymer '4-(2-HYDROXYETHYL)-1-PIPERAZINE ETHANESULFONIC ACID'
6 non-polymer 3-[(3-CHOLAMIDOPROPYL)DIMETHYLAMMONIO]-1-PROPANESULFONATE
7 water water
#
_entity_poly.entity_id   1
_entity_poly.type   'polypeptide(L)'
_entity_poly.pdbx_seq_one_letter_code
;SNA(MSE)NDIVASTQLPNTIKTITNDLRKLGLKKG(MSE)TVIVHSSLSSIGWISGGAVAVVEAL(MSE)EVITEEGTI
I(MSE)PTQSSDLSDPKHWSRPPVPEEWWQIIRDNVPAFEPHITPTRA(MSE)GKVVECFRTYPNVVRSNHPLGSFAAWG
RHAEEITVNQSLS(MSE)SLGEESPLRKIYDLDGYILLIGVGYDSNTSVGLSEVRSGACELIKVGAPIIENGERVWKEFV
D(MSE)DYDSDKFVEIGVEFEQKGTVT(MSE)GKIGNAKCRL(MSE)KQRDIVDFGTEWFRKKN
;
_entity_poly.pdbx_strand_id   A,D,C,B
#
loop_
_chem_comp.id
_chem_comp.type
_chem_comp.name
_chem_comp.formula
ACO non-polymer 'ACETYL COENZYME *A' 'C23 H38 N7 O17 P3 S'
CPS non-polymer 3-[(3-CHOLAMIDOPROPYL)DIMETHYLAMMONIO]-1-PROPANESULFONATE 'C32 H58 N2 O7 S'
CYT non-polymer 6-AMINOPYRIMIDIN-2(1H)-ONE 'C4 H5 N3 O'
EPE non-polymer '4-(2-HYDROXYETHYL)-1-PIPERAZINE ETHANESULFONIC ACID' 'C8 H18 N2 O4 S'
MG non-polymer 'MAGNESIUM ION' 'Mg 2'
#
# COMPACT_ATOMS: atom_id res chain seq x y z
N SER A 1 14.87 5.37 -3.77
CA SER A 1 14.30 6.21 -4.87
C SER A 1 12.98 5.62 -5.35
N ASN A 2 12.14 6.47 -5.92
CA ASN A 2 10.88 6.02 -6.48
C ASN A 2 11.12 5.17 -7.72
N ALA A 3 10.25 4.20 -7.92
CA ALA A 3 10.19 3.40 -9.13
C ALA A 3 10.56 4.22 -10.38
N MSE A 4 9.87 5.33 -10.59
CA MSE A 4 10.08 6.15 -11.80
C MSE A 4 11.48 6.77 -11.90
O MSE A 4 12.04 6.83 -12.98
CB MSE A 4 9.00 7.25 -11.93
CG MSE A 4 7.63 6.73 -12.36
SE MSE A 4 7.63 5.89 -14.15
CE MSE A 4 8.53 7.24 -15.19
N ASN A 5 12.06 7.20 -10.78
CA ASN A 5 13.42 7.77 -10.81
C ASN A 5 14.43 6.71 -11.29
N ASP A 6 14.23 5.46 -10.86
CA ASP A 6 15.14 4.36 -11.22
C ASP A 6 15.00 4.03 -12.70
N ILE A 7 13.76 4.04 -13.18
CA ILE A 7 13.46 3.82 -14.59
C ILE A 7 14.17 4.85 -15.47
N VAL A 8 14.10 6.13 -15.08
CA VAL A 8 14.76 7.21 -15.83
C VAL A 8 16.29 7.06 -15.80
N ALA A 9 16.83 6.78 -14.61
CA ALA A 9 18.27 6.57 -14.39
C ALA A 9 18.87 5.43 -15.21
N SER A 10 18.08 4.40 -15.49
CA SER A 10 18.54 3.22 -16.25
C SER A 10 18.32 3.35 -17.78
N THR A 11 17.94 4.55 -18.21
CA THR A 11 17.68 4.85 -19.62
C THR A 11 18.66 5.92 -20.07
N GLN A 12 19.37 5.70 -21.18
CA GLN A 12 20.34 6.67 -21.64
C GLN A 12 19.65 7.75 -22.47
N LEU A 13 18.83 7.31 -23.43
CA LEU A 13 17.99 8.23 -24.19
C LEU A 13 16.54 7.73 -24.18
N PRO A 14 15.59 8.66 -24.36
CA PRO A 14 14.19 8.28 -24.32
C PRO A 14 13.81 7.25 -25.37
N ASN A 15 12.98 6.31 -24.96
CA ASN A 15 12.28 5.46 -25.90
C ASN A 15 11.10 6.26 -26.48
N THR A 16 10.81 6.07 -27.76
CA THR A 16 9.74 6.78 -28.43
C THR A 16 8.98 5.82 -29.31
N ILE A 17 7.85 6.25 -29.87
CA ILE A 17 7.15 5.40 -30.83
C ILE A 17 8.15 4.92 -31.87
N LYS A 18 8.96 5.85 -32.36
CA LYS A 18 9.89 5.53 -33.45
C LYS A 18 10.96 4.56 -33.05
N THR A 19 11.58 4.71 -31.88
CA THR A 19 12.64 3.73 -31.50
C THR A 19 12.04 2.37 -31.15
N ILE A 20 10.83 2.37 -30.63
CA ILE A 20 10.16 1.11 -30.33
C ILE A 20 9.77 0.39 -31.64
N THR A 21 9.22 1.15 -32.59
CA THR A 21 8.95 0.64 -33.93
C THR A 21 10.23 0.02 -34.53
N ASN A 22 11.35 0.72 -34.39
CA ASN A 22 12.63 0.25 -34.91
C ASN A 22 13.12 -1.04 -34.25
N ASP A 23 13.01 -1.11 -32.92
CA ASP A 23 13.39 -2.31 -32.14
C ASP A 23 12.50 -3.52 -32.46
N LEU A 24 11.21 -3.27 -32.68
CA LEU A 24 10.29 -4.38 -32.98
C LEU A 24 10.62 -4.98 -34.35
N ARG A 25 10.90 -4.14 -35.34
CA ARG A 25 11.28 -4.62 -36.68
C ARG A 25 12.58 -5.41 -36.63
N LYS A 26 13.51 -4.92 -35.83
CA LYS A 26 14.84 -5.49 -35.68
C LYS A 26 14.75 -6.91 -35.13
N LEU A 27 13.91 -7.09 -34.13
CA LEU A 27 13.58 -8.38 -33.55
C LEU A 27 12.91 -9.37 -34.53
N GLY A 28 12.15 -8.82 -35.46
CA GLY A 28 11.48 -9.65 -36.50
C GLY A 28 9.98 -9.50 -36.62
N LEU A 29 9.40 -8.54 -35.92
CA LEU A 29 7.97 -8.26 -36.06
C LEU A 29 7.75 -7.62 -37.44
N LYS A 30 6.79 -8.18 -38.19
CA LYS A 30 6.55 -7.80 -39.58
C LYS A 30 5.08 -7.43 -39.83
N LYS A 31 4.88 -6.53 -40.80
CA LYS A 31 3.56 -6.22 -41.32
C LYS A 31 2.81 -7.51 -41.60
N GLY A 32 1.55 -7.57 -41.19
CA GLY A 32 0.70 -8.70 -41.53
C GLY A 32 0.78 -9.89 -40.58
N MSE A 33 1.63 -9.83 -39.56
CA MSE A 33 1.66 -10.92 -38.57
C MSE A 33 0.43 -10.97 -37.66
O MSE A 33 -0.22 -9.95 -37.41
CB MSE A 33 2.88 -10.79 -37.66
CG MSE A 33 4.15 -11.34 -38.21
SE MSE A 33 5.53 -11.34 -36.78
CE MSE A 33 6.82 -12.25 -37.92
N THR A 34 0.12 -12.17 -37.19
CA THR A 34 -0.78 -12.35 -36.07
C THR A 34 0.10 -12.55 -34.87
N VAL A 35 0.00 -11.64 -33.89
CA VAL A 35 0.83 -11.72 -32.71
C VAL A 35 0.04 -11.50 -31.40
N ILE A 36 0.22 -12.42 -30.45
CA ILE A 36 -0.28 -12.23 -29.09
C ILE A 36 0.87 -11.59 -28.28
N VAL A 37 0.60 -10.52 -27.54
CA VAL A 37 1.63 -9.75 -26.87
C VAL A 37 1.46 -9.75 -25.34
N HIS A 38 2.58 -9.93 -24.64
CA HIS A 38 2.64 -9.82 -23.19
C HIS A 38 3.76 -8.86 -22.85
N SER A 39 3.53 -7.96 -21.90
CA SER A 39 4.49 -6.91 -21.61
C SER A 39 4.57 -6.41 -20.17
N SER A 40 5.74 -5.85 -19.86
CA SER A 40 5.99 -5.00 -18.71
C SER A 40 6.47 -3.64 -19.25
N LEU A 41 5.68 -2.58 -19.06
CA LEU A 41 6.04 -1.20 -19.53
C LEU A 41 7.38 -0.75 -18.93
N SER A 42 7.57 -1.00 -17.64
CA SER A 42 8.76 -0.49 -16.92
C SER A 42 10.03 -1.12 -17.45
N SER A 43 9.94 -2.38 -17.90
CA SER A 43 11.11 -3.12 -18.33
C SER A 43 11.81 -2.46 -19.51
N ILE A 44 11.09 -1.65 -20.27
CA ILE A 44 11.62 -1.04 -21.49
C ILE A 44 12.60 0.10 -21.19
N GLY A 45 12.39 0.70 -20.02
CA GLY A 45 13.03 1.98 -19.68
C GLY A 45 12.06 3.09 -20.00
N TRP A 46 12.49 4.33 -19.82
CA TRP A 46 11.58 5.45 -19.91
C TRP A 46 11.09 5.70 -21.34
N ILE A 47 9.75 5.80 -21.49
CA ILE A 47 9.11 5.94 -22.77
C ILE A 47 8.34 7.27 -22.82
N SER A 48 8.58 8.08 -23.86
CA SER A 48 7.79 9.29 -24.12
C SER A 48 6.43 8.87 -24.68
N GLY A 49 5.38 8.99 -23.86
CA GLY A 49 4.04 8.57 -24.20
C GLY A 49 3.64 7.25 -23.55
N GLY A 50 4.52 6.70 -22.72
CA GLY A 50 4.20 5.48 -21.96
C GLY A 50 3.49 4.42 -22.76
N ALA A 51 2.38 3.90 -22.23
CA ALA A 51 1.69 2.77 -22.83
C ALA A 51 1.17 3.08 -24.23
N VAL A 52 0.68 4.31 -24.44
CA VAL A 52 0.16 4.70 -25.74
C VAL A 52 1.24 4.51 -26.81
N ALA A 53 2.48 4.92 -26.49
CA ALA A 53 3.59 4.73 -27.42
C ALA A 53 3.84 3.28 -27.83
N VAL A 54 3.77 2.36 -26.87
CA VAL A 54 3.97 0.94 -27.10
C VAL A 54 2.85 0.39 -28.01
N VAL A 55 1.61 0.74 -27.69
CA VAL A 55 0.47 0.31 -28.49
C VAL A 55 0.59 0.84 -29.92
N GLU A 56 0.87 2.12 -30.07
CA GLU A 56 0.98 2.69 -31.41
C GLU A 56 2.10 2.14 -32.24
N ALA A 57 3.20 1.83 -31.57
CA ALA A 57 4.36 1.23 -32.20
C ALA A 57 4.00 -0.13 -32.78
N LEU A 58 3.30 -0.94 -31.98
CA LEU A 58 2.92 -2.28 -32.41
C LEU A 58 1.99 -2.20 -33.61
N MSE A 59 1.03 -1.27 -33.54
CA MSE A 59 0.11 -1.06 -34.65
C MSE A 59 0.80 -0.62 -35.93
O MSE A 59 0.45 -1.07 -37.01
CB MSE A 59 -0.96 -0.03 -34.28
CG MSE A 59 -1.82 -0.52 -33.15
SE MSE A 59 -3.14 0.73 -32.57
CE MSE A 59 -4.22 -0.52 -31.48
N GLU A 60 1.81 0.24 -35.80
CA GLU A 60 2.55 0.79 -36.95
C GLU A 60 3.34 -0.32 -37.64
N VAL A 61 3.91 -1.24 -36.85
CA VAL A 61 4.56 -2.42 -37.42
C VAL A 61 3.57 -3.43 -38.02
N ILE A 62 2.64 -3.92 -37.20
CA ILE A 62 1.74 -5.02 -37.62
C ILE A 62 0.82 -4.54 -38.74
N THR A 63 0.35 -3.31 -38.59
CA THR A 63 -0.69 -2.67 -39.44
C THR A 63 -2.06 -3.36 -39.36
N GLU A 64 -3.06 -2.76 -40.00
CA GLU A 64 -4.40 -3.32 -40.01
C GLU A 64 -4.54 -4.59 -40.86
N GLU A 65 -3.51 -4.89 -41.66
CA GLU A 65 -3.43 -6.17 -42.38
C GLU A 65 -3.06 -7.33 -41.44
N GLY A 66 -2.44 -7.01 -40.31
CA GLY A 66 -2.14 -8.01 -39.28
C GLY A 66 -3.14 -7.91 -38.14
N THR A 67 -2.87 -8.65 -37.06
CA THR A 67 -3.75 -8.70 -35.90
C THR A 67 -2.92 -8.72 -34.63
N ILE A 68 -3.30 -7.90 -33.66
CA ILE A 68 -2.68 -7.91 -32.33
C ILE A 68 -3.67 -8.41 -31.32
N ILE A 69 -3.23 -9.33 -30.46
CA ILE A 69 -4.08 -9.85 -29.39
C ILE A 69 -3.36 -9.68 -28.09
N MSE A 70 -4.08 -9.33 -27.04
CA MSE A 70 -3.53 -9.35 -25.68
C MSE A 70 -4.54 -9.98 -24.74
O MSE A 70 -5.73 -9.79 -24.92
CB MSE A 70 -3.19 -7.94 -25.22
CG MSE A 70 -2.18 -7.27 -26.06
SE MSE A 70 -1.66 -5.52 -25.40
CE MSE A 70 -0.75 -4.86 -27.03
N PRO A 71 -4.06 -10.69 -23.72
CA PRO A 71 -5.02 -11.14 -22.70
C PRO A 71 -5.55 -9.98 -21.84
N THR A 72 -6.85 -10.01 -21.54
CA THR A 72 -7.53 -8.98 -20.75
C THR A 72 -8.32 -9.65 -19.59
N GLN A 73 -7.62 -10.49 -18.82
CA GLN A 73 -8.23 -11.24 -17.71
C GLN A 73 -8.70 -10.29 -16.62
N SER A 74 -9.78 -10.67 -15.96
CA SER A 74 -10.46 -9.85 -14.95
C SER A 74 -10.83 -10.73 -13.73
N SER A 75 -9.79 -11.30 -13.11
CA SER A 75 -9.99 -12.29 -12.05
C SER A 75 -10.58 -11.72 -10.75
N ASP A 76 -10.74 -10.40 -10.67
CA ASP A 76 -11.48 -9.77 -9.56
C ASP A 76 -12.97 -10.12 -9.59
N LEU A 77 -13.46 -10.60 -10.71
CA LEU A 77 -14.85 -11.02 -10.80
C LEU A 77 -15.09 -12.48 -10.38
N SER A 78 -14.06 -13.18 -9.90
CA SER A 78 -14.19 -14.61 -9.56
C SER A 78 -14.73 -14.84 -8.15
N ASP A 79 -15.09 -16.08 -7.85
CA ASP A 79 -15.61 -16.47 -6.54
C ASP A 79 -14.55 -16.18 -5.47
N PRO A 80 -14.90 -15.36 -4.46
CA PRO A 80 -13.97 -14.96 -3.41
C PRO A 80 -13.62 -16.08 -2.41
N LYS A 81 -14.37 -17.17 -2.45
CA LYS A 81 -14.00 -18.39 -1.73
C LYS A 81 -12.55 -18.76 -1.99
N HIS A 82 -12.10 -18.61 -3.23
CA HIS A 82 -10.73 -19.05 -3.59
C HIS A 82 -9.67 -17.96 -3.64
N TRP A 83 -10.04 -16.72 -3.26
CA TRP A 83 -9.09 -15.62 -3.31
C TRP A 83 -7.93 -15.74 -2.29
N SER A 84 -6.72 -15.37 -2.73
CA SER A 84 -5.54 -15.33 -1.87
C SER A 84 -4.68 -14.08 -2.07
N ARG A 85 -5.13 -13.12 -2.87
CA ARG A 85 -4.26 -12.01 -3.29
C ARG A 85 -5.04 -10.69 -3.28
N PRO A 86 -5.61 -10.34 -2.13
CA PRO A 86 -5.61 -11.04 -0.84
C PRO A 86 -6.88 -11.85 -0.59
N PRO A 87 -6.88 -12.70 0.44
CA PRO A 87 -8.15 -13.27 0.85
C PRO A 87 -9.01 -12.20 1.53
N VAL A 88 -10.33 -12.38 1.51
CA VAL A 88 -11.26 -11.51 2.22
C VAL A 88 -12.09 -12.36 3.24
N PRO A 89 -12.66 -11.73 4.29
CA PRO A 89 -13.42 -12.51 5.28
C PRO A 89 -14.54 -13.35 4.67
N GLU A 90 -14.76 -14.53 5.22
CA GLU A 90 -15.75 -15.45 4.66
C GLU A 90 -17.14 -14.82 4.65
N GLU A 91 -17.43 -13.98 5.64
CA GLU A 91 -18.73 -13.35 5.77
CA GLU A 91 -18.76 -13.40 5.74
C GLU A 91 -19.01 -12.35 4.64
N TRP A 92 -17.99 -12.00 3.88
CA TRP A 92 -18.16 -11.13 2.71
C TRP A 92 -18.53 -11.91 1.44
N TRP A 93 -18.33 -13.22 1.43
CA TRP A 93 -18.30 -13.94 0.16
C TRP A 93 -19.63 -13.86 -0.58
N GLN A 94 -20.74 -14.09 0.12
CA GLN A 94 -22.07 -14.08 -0.50
C GLN A 94 -22.47 -12.66 -0.91
N ILE A 95 -22.10 -11.67 -0.08
CA ILE A 95 -22.33 -10.24 -0.43
C ILE A 95 -21.70 -9.92 -1.80
N ILE A 96 -20.46 -10.38 -1.98
CA ILE A 96 -19.71 -10.20 -3.21
C ILE A 96 -20.40 -10.89 -4.37
N ARG A 97 -20.68 -12.19 -4.22
CA ARG A 97 -21.39 -12.91 -5.28
C ARG A 97 -22.70 -12.20 -5.65
N ASP A 98 -23.35 -11.57 -4.67
CA ASP A 98 -24.63 -10.90 -4.91
C ASP A 98 -24.49 -9.47 -5.46
N ASN A 99 -23.35 -8.80 -5.23
CA ASN A 99 -23.21 -7.38 -5.57
C ASN A 99 -22.14 -7.00 -6.59
N VAL A 100 -21.13 -7.83 -6.79
CA VAL A 100 -20.05 -7.49 -7.74
C VAL A 100 -20.70 -7.18 -9.10
N PRO A 101 -20.28 -6.07 -9.79
CA PRO A 101 -20.90 -5.77 -11.08
C PRO A 101 -20.57 -6.76 -12.18
N ALA A 102 -21.57 -7.07 -13.02
CA ALA A 102 -21.46 -7.99 -14.12
C ALA A 102 -20.38 -7.59 -15.11
N PHE A 103 -19.68 -8.60 -15.66
CA PHE A 103 -18.76 -8.38 -16.76
C PHE A 103 -19.40 -7.60 -17.91
N GLU A 104 -18.71 -6.55 -18.36
CA GLU A 104 -19.07 -5.83 -19.58
C GLU A 104 -17.79 -5.53 -20.36
N PRO A 105 -17.70 -6.00 -21.61
CA PRO A 105 -16.40 -5.98 -22.27
C PRO A 105 -15.80 -4.58 -22.45
N HIS A 106 -16.65 -3.59 -22.68
CA HIS A 106 -16.17 -2.23 -22.91
C HIS A 106 -15.78 -1.51 -21.59
N ILE A 107 -16.15 -2.08 -20.43
CA ILE A 107 -15.94 -1.40 -19.15
C ILE A 107 -14.98 -2.11 -18.19
N THR A 108 -15.20 -3.41 -17.95
CA THR A 108 -14.48 -4.14 -16.87
C THR A 108 -12.94 -4.07 -16.95
N PRO A 109 -12.26 -3.47 -15.95
CA PRO A 109 -10.80 -3.46 -15.99
C PRO A 109 -10.16 -4.84 -15.87
N THR A 110 -8.90 -4.91 -16.27
CA THR A 110 -8.11 -6.15 -16.18
C THR A 110 -7.38 -6.15 -14.86
N ARG A 111 -6.92 -7.31 -14.44
CA ARG A 111 -6.10 -7.43 -13.28
C ARG A 111 -4.82 -8.17 -13.63
N ALA A 112 -3.70 -7.59 -13.22
CA ALA A 112 -2.39 -8.19 -13.43
C ALA A 112 -1.98 -8.34 -14.89
N MSE A 113 -2.58 -7.56 -15.81
CA MSE A 113 -2.23 -7.63 -17.25
C MSE A 113 -1.23 -6.57 -17.71
O MSE A 113 -0.47 -6.81 -18.66
CB MSE A 113 -3.47 -7.53 -18.16
CG MSE A 113 -4.52 -8.63 -17.92
SE MSE A 113 -3.92 -10.39 -18.41
CE MSE A 113 -3.38 -11.07 -16.60
N GLY A 114 -1.28 -5.40 -17.08
CA GLY A 114 -0.31 -4.33 -17.30
C GLY A 114 -0.92 -3.13 -17.99
N LYS A 115 -0.28 -1.97 -17.84
CA LYS A 115 -0.77 -0.73 -18.44
C LYS A 115 -0.86 -0.79 -19.97
N VAL A 116 -0.01 -1.57 -20.63
CA VAL A 116 -0.09 -1.66 -22.10
C VAL A 116 -1.47 -2.22 -22.46
N VAL A 117 -1.88 -3.29 -21.77
CA VAL A 117 -3.17 -3.94 -21.95
C VAL A 117 -4.32 -3.01 -21.63
N GLU A 118 -4.25 -2.29 -20.51
CA GLU A 118 -5.28 -1.30 -20.16
C GLU A 118 -5.49 -0.23 -21.24
N CYS A 119 -4.39 0.24 -21.83
CA CYS A 119 -4.41 1.16 -22.97
C CYS A 119 -5.03 0.51 -24.24
N PHE A 120 -4.50 -0.67 -24.56
CA PHE A 120 -4.95 -1.41 -25.74
C PHE A 120 -6.44 -1.66 -25.71
N ARG A 121 -6.95 -2.20 -24.61
CA ARG A 121 -8.35 -2.66 -24.57
C ARG A 121 -9.38 -1.53 -24.69
N THR A 122 -9.00 -0.28 -24.41
CA THR A 122 -9.92 0.90 -24.56
C THR A 122 -9.58 1.72 -25.84
N TYR A 123 -8.62 1.23 -26.61
CA TYR A 123 -8.18 1.89 -27.81
C TYR A 123 -9.22 1.72 -28.94
N PRO A 124 -9.48 2.78 -29.70
CA PRO A 124 -10.49 2.71 -30.78
C PRO A 124 -10.29 1.53 -31.75
N ASN A 125 -11.37 0.80 -32.01
CA ASN A 125 -11.41 -0.35 -32.92
C ASN A 125 -10.85 -1.63 -32.35
N VAL A 126 -10.44 -1.64 -31.07
CA VAL A 126 -10.05 -2.86 -30.43
C VAL A 126 -11.30 -3.56 -29.94
N VAL A 127 -11.33 -4.88 -30.06
CA VAL A 127 -12.50 -5.66 -29.70
C VAL A 127 -12.12 -6.68 -28.65
N ARG A 128 -13.06 -7.03 -27.79
CA ARG A 128 -12.78 -7.89 -26.65
C ARG A 128 -13.76 -9.03 -26.58
N SER A 129 -13.29 -10.25 -26.27
CA SER A 129 -14.16 -11.41 -26.14
C SER A 129 -15.03 -11.30 -24.90
N ASN A 130 -16.01 -12.18 -24.81
CA ASN A 130 -17.03 -11.98 -23.80
C ASN A 130 -16.82 -12.80 -22.55
N HIS A 131 -15.66 -13.37 -22.36
CA HIS A 131 -15.44 -14.16 -21.18
C HIS A 131 -15.27 -13.26 -19.92
N PRO A 132 -15.97 -13.57 -18.82
CA PRO A 132 -15.94 -12.71 -17.65
C PRO A 132 -14.71 -12.78 -16.78
N LEU A 133 -13.90 -13.84 -16.91
CA LEU A 133 -12.64 -13.98 -16.18
C LEU A 133 -11.43 -13.97 -17.10
N GLY A 134 -11.56 -14.64 -18.25
CA GLY A 134 -10.43 -14.94 -19.13
C GLY A 134 -10.55 -14.43 -20.54
N SER A 135 -11.04 -13.20 -20.72
CA SER A 135 -11.18 -12.63 -22.07
C SER A 135 -9.84 -12.21 -22.67
N PHE A 136 -9.87 -11.98 -23.99
CA PHE A 136 -8.77 -11.39 -24.75
C PHE A 136 -9.32 -10.20 -25.53
N ALA A 137 -8.40 -9.30 -25.92
CA ALA A 137 -8.73 -8.19 -26.81
C ALA A 137 -7.90 -8.34 -28.05
N ALA A 138 -8.41 -7.82 -29.18
CA ALA A 138 -7.75 -7.92 -30.47
C ALA A 138 -8.02 -6.72 -31.35
N TRP A 139 -7.07 -6.46 -32.23
CA TRP A 139 -7.09 -5.33 -33.17
C TRP A 139 -6.55 -5.84 -34.49
N GLY A 140 -7.18 -5.43 -35.60
CA GLY A 140 -6.73 -5.75 -36.93
C GLY A 140 -7.53 -6.79 -37.70
N ARG A 141 -6.88 -7.41 -38.68
CA ARG A 141 -7.56 -8.17 -39.71
C ARG A 141 -8.47 -9.27 -39.15
N HIS A 142 -7.97 -10.04 -38.17
CA HIS A 142 -8.73 -11.18 -37.63
C HIS A 142 -9.27 -10.95 -36.21
N ALA A 143 -9.34 -9.69 -35.80
CA ALA A 143 -9.78 -9.34 -34.45
C ALA A 143 -11.14 -9.88 -34.04
N GLU A 144 -12.12 -9.74 -34.92
CA GLU A 144 -13.47 -10.24 -34.62
C GLU A 144 -13.51 -11.73 -34.64
N GLU A 145 -12.85 -12.33 -35.61
CA GLU A 145 -12.82 -13.78 -35.75
C GLU A 145 -12.18 -14.43 -34.54
N ILE A 146 -11.09 -13.83 -34.05
CA ILE A 146 -10.38 -14.39 -32.92
C ILE A 146 -11.15 -14.34 -31.59
N THR A 147 -11.92 -13.27 -31.38
CA THR A 147 -12.52 -12.98 -30.08
C THR A 147 -13.97 -13.43 -29.99
N VAL A 148 -14.59 -13.70 -31.12
CA VAL A 148 -15.99 -14.15 -31.14
C VAL A 148 -16.16 -15.57 -30.59
N ASN A 149 -17.29 -15.80 -29.91
CA ASN A 149 -17.73 -17.13 -29.43
C ASN A 149 -16.76 -17.87 -28.50
N GLN A 150 -16.14 -17.13 -27.59
CA GLN A 150 -15.26 -17.76 -26.60
C GLN A 150 -16.14 -18.59 -25.65
N SER A 151 -15.90 -19.90 -25.59
CA SER A 151 -16.69 -20.76 -24.68
C SER A 151 -16.52 -20.28 -23.24
N LEU A 152 -17.58 -20.39 -22.45
CA LEU A 152 -17.49 -20.03 -21.04
C LEU A 152 -16.59 -21.03 -20.31
N SER A 153 -16.83 -22.33 -20.51
CA SER A 153 -15.99 -23.39 -19.95
C SER A 153 -14.66 -23.51 -20.73
N MSE A 154 -13.59 -23.87 -20.04
CA MSE A 154 -12.27 -24.06 -20.69
C MSE A 154 -11.85 -22.80 -21.44
O MSE A 154 -11.78 -22.77 -22.68
CB MSE A 154 -12.25 -25.29 -21.60
CG MSE A 154 -12.80 -26.59 -20.94
SE MSE A 154 -11.96 -27.02 -19.21
CE MSE A 154 -10.17 -27.50 -19.87
N SER A 155 -11.55 -21.76 -20.66
CA SER A 155 -11.30 -20.43 -21.20
C SER A 155 -10.01 -20.32 -22.00
N LEU A 156 -9.09 -21.26 -21.83
CA LEU A 156 -7.86 -21.30 -22.64
C LEU A 156 -7.81 -22.52 -23.54
N GLY A 157 -8.98 -23.08 -23.86
CA GLY A 157 -9.09 -24.38 -24.53
C GLY A 157 -9.38 -24.29 -26.02
N GLU A 158 -10.00 -25.34 -26.57
CA GLU A 158 -10.17 -25.44 -28.01
C GLU A 158 -11.19 -24.44 -28.58
N GLU A 159 -12.00 -23.81 -27.74
CA GLU A 159 -12.95 -22.83 -28.23
C GLU A 159 -12.59 -21.40 -27.83
N SER A 160 -11.31 -21.15 -27.59
CA SER A 160 -10.83 -19.83 -27.16
C SER A 160 -10.00 -19.16 -28.24
N PRO A 161 -9.73 -17.85 -28.08
CA PRO A 161 -8.79 -17.13 -28.93
C PRO A 161 -7.44 -17.84 -29.12
N LEU A 162 -6.98 -18.62 -28.13
CA LEU A 162 -5.67 -19.32 -28.29
C LEU A 162 -5.68 -20.30 -29.46
N ARG A 163 -6.78 -21.03 -29.59
CA ARG A 163 -6.94 -22.00 -30.65
C ARG A 163 -7.02 -21.29 -32.00
N LYS A 164 -7.71 -20.14 -32.04
CA LYS A 164 -7.80 -19.33 -33.24
C LYS A 164 -6.45 -18.80 -33.68
N ILE A 165 -5.62 -18.43 -32.71
CA ILE A 165 -4.24 -17.96 -32.98
C ILE A 165 -3.44 -19.12 -33.54
N TYR A 166 -3.61 -20.30 -32.95
CA TYR A 166 -2.94 -21.54 -33.38
C TYR A 166 -3.25 -21.90 -34.84
N ASP A 167 -4.51 -21.78 -35.21
CA ASP A 167 -4.92 -22.09 -36.56
C ASP A 167 -4.36 -21.08 -37.59
N LEU A 168 -4.18 -19.82 -37.17
CA LEU A 168 -3.56 -18.76 -37.98
C LEU A 168 -2.02 -18.81 -38.04
N ASP A 169 -1.39 -19.77 -37.37
CA ASP A 169 0.09 -19.87 -37.28
C ASP A 169 0.71 -18.56 -36.77
N GLY A 170 0.13 -18.05 -35.70
CA GLY A 170 0.55 -16.76 -35.16
C GLY A 170 1.82 -16.83 -34.35
N TYR A 171 2.22 -15.66 -33.84
CA TYR A 171 3.44 -15.48 -33.05
C TYR A 171 3.12 -15.04 -31.63
N ILE A 172 4.04 -15.30 -30.72
CA ILE A 172 3.99 -14.79 -29.36
C ILE A 172 5.14 -13.79 -29.22
N LEU A 173 4.86 -12.63 -28.67
CA LEU A 173 5.90 -11.64 -28.37
C LEU A 173 5.87 -11.42 -26.87
N LEU A 174 6.98 -11.71 -26.20
CA LEU A 174 7.16 -11.42 -24.78
C LEU A 174 8.11 -10.20 -24.68
N ILE A 175 7.61 -9.10 -24.12
CA ILE A 175 8.40 -7.88 -23.85
C ILE A 175 8.68 -7.67 -22.35
N GLY A 176 9.91 -8.00 -21.95
CA GLY A 176 10.36 -7.80 -20.60
C GLY A 176 9.68 -8.69 -19.59
N VAL A 177 9.07 -9.78 -20.06
CA VAL A 177 8.45 -10.77 -19.19
C VAL A 177 8.89 -12.19 -19.62
N GLY A 178 8.76 -13.15 -18.72
CA GLY A 178 9.17 -14.53 -18.96
C GLY A 178 8.03 -15.45 -19.35
N TYR A 179 8.31 -16.74 -19.32
CA TYR A 179 7.36 -17.72 -19.82
C TYR A 179 6.13 -17.90 -18.94
N ASP A 180 6.23 -17.52 -17.67
CA ASP A 180 5.06 -17.58 -16.79
C ASP A 180 3.96 -16.57 -17.15
N SER A 181 4.25 -15.66 -18.08
CA SER A 181 3.23 -14.78 -18.63
C SER A 181 2.69 -15.27 -19.96
N ASN A 182 3.23 -16.38 -20.47
CA ASN A 182 2.94 -16.83 -21.82
C ASN A 182 1.64 -17.63 -21.88
N THR A 183 0.53 -16.92 -22.01
CA THR A 183 -0.80 -17.52 -21.92
C THR A 183 -1.06 -18.70 -22.85
N SER A 184 -0.49 -18.67 -24.05
CA SER A 184 -0.65 -19.72 -25.04
C SER A 184 -0.33 -21.12 -24.54
N VAL A 185 0.59 -21.25 -23.59
CA VAL A 185 0.91 -22.57 -23.02
C VAL A 185 -0.25 -23.17 -22.20
N GLY A 186 -1.25 -22.37 -21.86
CA GLY A 186 -2.48 -22.89 -21.27
C GLY A 186 -3.20 -23.84 -22.21
N LEU A 187 -3.07 -23.60 -23.52
CA LEU A 187 -3.56 -24.52 -24.55
C LEU A 187 -2.84 -25.90 -24.52
N SER A 188 -1.54 -25.90 -24.20
CA SER A 188 -0.79 -27.16 -24.03
C SER A 188 -1.31 -27.94 -22.82
N GLU A 189 -1.64 -27.22 -21.75
CA GLU A 189 -2.17 -27.84 -20.52
C GLU A 189 -3.56 -28.43 -20.79
N VAL A 190 -4.41 -27.69 -21.51
CA VAL A 190 -5.72 -28.21 -21.93
C VAL A 190 -5.58 -29.54 -22.73
N ARG A 191 -4.71 -29.55 -23.72
CA ARG A 191 -4.55 -30.70 -24.61
C ARG A 191 -3.85 -31.90 -23.97
N SER A 192 -3.08 -31.65 -22.91
CA SER A 192 -2.42 -32.73 -22.20
C SER A 192 -3.21 -33.19 -20.97
N GLY A 193 -4.24 -32.42 -20.59
CA GLY A 193 -4.91 -32.65 -19.31
C GLY A 193 -3.92 -32.57 -18.16
N ALA A 194 -3.06 -31.57 -18.20
CA ALA A 194 -1.93 -31.44 -17.26
C ALA A 194 -2.34 -30.98 -15.86
N CYS A 195 -3.46 -30.25 -15.79
CA CYS A 195 -3.90 -29.64 -14.54
C CYS A 195 -5.35 -30.00 -14.26
N GLU A 196 -5.72 -29.96 -12.99
CA GLU A 196 -7.03 -30.41 -12.54
C GLU A 196 -8.14 -29.44 -12.99
N LEU A 197 -9.37 -29.95 -13.01
CA LEU A 197 -10.54 -29.16 -13.32
C LEU A 197 -11.09 -28.54 -12.04
N ILE A 198 -11.67 -27.35 -12.15
CA ILE A 198 -12.26 -26.64 -11.01
C ILE A 198 -13.60 -25.99 -11.41
N LYS A 199 -14.53 -25.96 -10.47
CA LYS A 199 -15.74 -25.20 -10.63
C LYS A 199 -15.43 -23.73 -10.35
N VAL A 200 -15.67 -22.88 -11.34
CA VAL A 200 -15.47 -21.43 -11.18
C VAL A 200 -16.79 -20.69 -11.33
N GLY A 201 -16.79 -19.41 -11.01
CA GLY A 201 -18.02 -18.60 -11.06
C GLY A 201 -17.69 -17.15 -11.36
N ALA A 202 -18.64 -16.46 -12.00
CA ALA A 202 -18.47 -15.06 -12.34
C ALA A 202 -19.83 -14.43 -12.62
N PRO A 203 -19.94 -13.10 -12.45
CA PRO A 203 -21.18 -12.41 -12.75
C PRO A 203 -21.24 -12.01 -14.22
N ILE A 204 -22.39 -12.27 -14.85
CA ILE A 204 -22.59 -11.89 -16.25
C ILE A 204 -23.99 -11.31 -16.48
N ILE A 205 -24.19 -10.67 -17.62
CA ILE A 205 -25.53 -10.27 -18.04
C ILE A 205 -26.06 -11.36 -18.97
N GLU A 206 -27.17 -11.99 -18.59
CA GLU A 206 -27.78 -13.07 -19.35
C GLU A 206 -29.28 -12.84 -19.39
N ASN A 207 -29.86 -12.80 -20.59
CA ASN A 207 -31.27 -12.41 -20.76
C ASN A 207 -31.59 -11.02 -20.19
N GLY A 208 -30.65 -10.09 -20.26
CA GLY A 208 -30.84 -8.77 -19.68
C GLY A 208 -30.47 -8.70 -18.20
N GLU A 209 -30.63 -9.81 -17.49
CA GLU A 209 -30.47 -9.88 -16.03
C GLU A 209 -29.07 -10.28 -15.56
N ARG A 210 -28.70 -9.81 -14.37
CA ARG A 210 -27.43 -10.14 -13.78
C ARG A 210 -27.55 -11.52 -13.18
N VAL A 211 -26.66 -12.42 -13.56
CA VAL A 211 -26.63 -13.80 -13.03
C VAL A 211 -25.21 -14.10 -12.51
N TRP A 212 -25.13 -14.81 -11.38
CA TRP A 212 -23.90 -15.43 -10.95
C TRP A 212 -23.85 -16.78 -11.64
N LYS A 213 -22.93 -16.93 -12.57
CA LYS A 213 -22.94 -18.03 -13.51
C LYS A 213 -21.77 -18.95 -13.21
N GLU A 214 -22.02 -20.24 -13.18
CA GLU A 214 -20.95 -21.17 -12.84
C GLU A 214 -20.55 -21.98 -14.04
N PHE A 215 -19.31 -22.43 -14.03
CA PHE A 215 -18.78 -23.17 -15.14
C PHE A 215 -17.50 -23.90 -14.73
N VAL A 216 -16.98 -24.70 -15.65
CA VAL A 216 -15.79 -25.50 -15.43
C VAL A 216 -14.60 -24.84 -16.10
N ASP A 217 -13.47 -24.81 -15.42
CA ASP A 217 -12.21 -24.46 -16.07
C ASP A 217 -11.08 -25.33 -15.58
N MSE A 218 -9.90 -25.09 -16.11
CA MSE A 218 -8.70 -25.71 -15.60
C MSE A 218 -8.00 -24.77 -14.62
O MSE A 218 -7.98 -23.55 -14.80
CB MSE A 218 -7.78 -26.05 -16.75
CG MSE A 218 -6.62 -26.93 -16.36
SE MSE A 218 -5.85 -27.76 -17.93
CE MSE A 218 -7.17 -29.19 -18.17
N ASP A 219 -7.46 -25.38 -13.58
CA ASP A 219 -6.67 -24.69 -12.57
C ASP A 219 -5.29 -24.48 -13.20
N TYR A 220 -5.16 -23.51 -14.10
CA TYR A 220 -3.94 -23.37 -14.90
C TYR A 220 -2.79 -23.07 -13.96
N ASP A 221 -1.64 -23.64 -14.25
CA ASP A 221 -0.47 -23.55 -13.39
C ASP A 221 0.69 -23.03 -14.23
N SER A 222 1.06 -21.78 -13.97
CA SER A 222 2.07 -21.10 -14.77
C SER A 222 3.48 -21.50 -14.35
N ASP A 223 3.62 -21.98 -13.12
CA ASP A 223 4.93 -22.35 -12.58
C ASP A 223 5.63 -23.37 -13.49
N LYS A 224 4.86 -24.23 -14.14
CA LYS A 224 5.40 -25.12 -15.16
C LYS A 224 6.12 -24.36 -16.28
N PHE A 225 5.51 -23.27 -16.76
CA PHE A 225 5.85 -22.66 -18.05
C PHE A 225 7.30 -22.22 -18.16
N VAL A 226 7.90 -21.78 -17.07
CA VAL A 226 9.31 -21.35 -17.09
C VAL A 226 10.17 -22.55 -17.46
N GLU A 227 9.87 -23.67 -16.80
CA GLU A 227 10.55 -24.95 -17.06
C GLU A 227 10.42 -25.31 -18.55
N ILE A 228 9.19 -25.35 -19.03
CA ILE A 228 8.91 -25.62 -20.46
C ILE A 228 9.65 -24.67 -21.41
N GLY A 229 9.74 -23.40 -21.02
CA GLY A 229 10.36 -22.37 -21.85
C GLY A 229 11.85 -22.57 -22.01
N VAL A 230 12.52 -22.88 -20.91
CA VAL A 230 13.96 -23.17 -20.96
C VAL A 230 14.26 -24.38 -21.86
N GLU A 231 13.53 -25.46 -21.69
CA GLU A 231 13.68 -26.62 -22.59
C GLU A 231 13.32 -26.30 -24.04
N PHE A 232 12.29 -25.48 -24.27
CA PHE A 232 11.90 -25.12 -25.65
C PHE A 232 13.02 -24.34 -26.34
N GLU A 233 13.60 -23.39 -25.62
CA GLU A 233 14.67 -22.55 -26.17
C GLU A 233 15.93 -23.31 -26.60
N GLN A 234 16.29 -24.37 -25.86
CA GLN A 234 17.41 -25.23 -26.29
C GLN A 234 17.15 -25.83 -27.69
N LYS A 235 15.91 -26.19 -27.98
CA LYS A 235 15.55 -26.76 -29.29
C LYS A 235 15.73 -25.78 -30.45
N GLY A 236 15.83 -24.49 -30.14
CA GLY A 236 16.06 -23.43 -31.13
C GLY A 236 14.78 -22.67 -31.46
N THR A 237 14.89 -21.72 -32.38
CA THR A 237 13.74 -21.01 -32.94
C THR A 237 12.95 -20.18 -31.91
N VAL A 238 13.67 -19.55 -30.98
CA VAL A 238 13.17 -18.37 -30.28
C VAL A 238 14.09 -17.21 -30.64
N THR A 239 13.55 -16.17 -31.26
CA THR A 239 14.34 -15.00 -31.63
C THR A 239 14.37 -14.07 -30.43
N MSE A 240 15.57 -13.68 -30.02
CA MSE A 240 15.76 -12.85 -28.84
C MSE A 240 16.44 -11.51 -29.16
O MSE A 240 17.35 -11.44 -29.97
CB MSE A 240 16.55 -13.59 -27.78
CG MSE A 240 16.07 -15.04 -27.64
SE MSE A 240 16.25 -15.74 -25.86
CE MSE A 240 15.49 -14.21 -24.89
N GLY A 241 16.01 -10.48 -28.47
CA GLY A 241 16.56 -9.16 -28.68
C GLY A 241 15.96 -8.19 -27.71
N LYS A 242 16.31 -6.91 -27.86
CA LYS A 242 15.92 -5.87 -26.92
C LYS A 242 14.98 -4.87 -27.54
N ILE A 243 13.98 -4.47 -26.76
CA ILE A 243 13.21 -3.27 -26.99
C ILE A 243 13.57 -2.31 -25.87
N GLY A 244 14.41 -1.31 -26.15
CA GLY A 244 14.97 -0.49 -25.10
C GLY A 244 15.76 -1.40 -24.17
N ASN A 245 15.48 -1.34 -22.88
CA ASN A 245 16.13 -2.25 -21.91
C ASN A 245 15.44 -3.60 -21.74
N ALA A 246 14.37 -3.83 -22.48
CA ALA A 246 13.53 -5.00 -22.27
C ALA A 246 14.11 -6.22 -22.99
N LYS A 247 14.29 -7.30 -22.25
CA LYS A 247 14.69 -8.57 -22.82
C LYS A 247 13.43 -9.16 -23.47
N CYS A 248 13.45 -9.32 -24.79
CA CYS A 248 12.26 -9.74 -25.53
C CYS A 248 12.47 -11.07 -26.23
N ARG A 249 11.36 -11.80 -26.44
CA ARG A 249 11.36 -13.04 -27.19
C ARG A 249 10.23 -13.05 -28.20
N LEU A 250 10.54 -13.58 -29.38
CA LEU A 250 9.57 -13.77 -30.45
C LEU A 250 9.66 -15.22 -30.94
N MSE A 251 8.50 -15.87 -30.97
CA MSE A 251 8.40 -17.29 -31.35
C MSE A 251 7.05 -17.58 -32.03
O MSE A 251 6.10 -16.82 -31.91
CB MSE A 251 8.54 -18.16 -30.10
CG MSE A 251 7.31 -18.11 -29.20
SE MSE A 251 7.72 -18.59 -27.35
CE MSE A 251 8.57 -16.91 -26.82
N LYS A 252 6.98 -18.70 -32.71
CA LYS A 252 5.74 -19.17 -33.32
C LYS A 252 4.89 -19.85 -32.25
N GLN A 253 3.61 -19.50 -32.18
CA GLN A 253 2.74 -20.08 -31.16
C GLN A 253 2.54 -21.58 -31.32
N ARG A 254 2.48 -22.06 -32.56
CA ARG A 254 2.32 -23.49 -32.83
C ARG A 254 3.47 -24.30 -32.26
N ASP A 255 4.68 -23.78 -32.48
CA ASP A 255 5.91 -24.39 -32.02
C ASP A 255 5.95 -24.61 -30.51
N ILE A 256 5.78 -23.55 -29.72
CA ILE A 256 5.77 -23.67 -28.26
C ILE A 256 4.54 -24.49 -27.78
N VAL A 257 3.36 -24.28 -28.37
CA VAL A 257 2.17 -24.99 -27.92
C VAL A 257 2.32 -26.49 -28.19
N ASP A 258 2.89 -26.87 -29.33
CA ASP A 258 3.09 -28.29 -29.64
C ASP A 258 4.17 -28.91 -28.77
N PHE A 259 5.19 -28.13 -28.44
CA PHE A 259 6.25 -28.61 -27.57
C PHE A 259 5.72 -28.78 -26.15
N GLY A 260 4.88 -27.86 -25.73
CA GLY A 260 4.29 -27.88 -24.39
C GLY A 260 3.42 -29.10 -24.21
N THR A 261 2.66 -29.44 -25.25
CA THR A 261 1.75 -30.57 -25.20
C THR A 261 2.54 -31.89 -25.01
N GLU A 262 3.61 -32.07 -25.77
CA GLU A 262 4.48 -33.24 -25.61
C GLU A 262 5.16 -33.24 -24.25
N TRP A 263 5.60 -32.06 -23.77
CA TRP A 263 6.28 -31.95 -22.48
C TRP A 263 5.42 -32.49 -21.34
N PHE A 264 4.12 -32.24 -21.41
CA PHE A 264 3.22 -32.68 -20.35
C PHE A 264 2.83 -34.16 -20.42
N ARG A 265 2.85 -34.73 -21.62
CA ARG A 265 2.50 -36.14 -21.80
C ARG A 265 3.66 -37.07 -21.46
N LYS A 266 4.83 -36.77 -22.03
CA LYS A 266 6.05 -37.54 -21.79
C LYS A 266 6.24 -37.80 -20.29
N SER B 1 9.56 -3.04 39.16
CA SER B 1 10.33 -2.67 37.92
C SER B 1 9.53 -3.01 36.65
N ASN B 2 10.17 -2.89 35.48
CA ASN B 2 9.55 -3.30 34.21
C ASN B 2 9.52 -4.80 34.00
N ALA B 3 10.15 -5.55 34.90
CA ALA B 3 10.12 -6.99 34.81
C ALA B 3 8.68 -7.43 34.88
N MSE B 4 8.29 -8.33 33.99
CA MSE B 4 6.93 -8.82 33.96
C MSE B 4 6.53 -9.46 35.31
O MSE B 4 5.39 -9.28 35.76
CB MSE B 4 6.73 -9.79 32.81
CG MSE B 4 6.89 -9.16 31.42
SE MSE B 4 5.59 -7.69 31.20
CE MSE B 4 4.04 -8.52 31.94
N ASN B 5 7.44 -10.17 35.98
CA ASN B 5 7.04 -10.79 37.27
C ASN B 5 6.69 -9.72 38.33
N ASP B 6 7.40 -8.59 38.31
CA ASP B 6 7.08 -7.44 39.17
C ASP B 6 5.74 -6.81 38.78
N ILE B 7 5.45 -6.69 37.49
CA ILE B 7 4.19 -6.06 37.07
C ILE B 7 3.00 -6.93 37.51
N VAL B 8 3.12 -8.25 37.37
CA VAL B 8 2.08 -9.16 37.79
C VAL B 8 1.84 -9.06 39.30
N ALA B 9 2.91 -9.06 40.09
CA ALA B 9 2.78 -9.03 41.55
C ALA B 9 2.25 -7.69 42.06
N SER B 10 2.37 -6.63 41.28
CA SER B 10 1.83 -5.34 41.67
C SER B 10 0.35 -5.15 41.27
N THR B 11 -0.22 -6.17 40.65
CA THR B 11 -1.56 -6.04 40.11
C THR B 11 -2.44 -6.99 40.87
N GLN B 12 -3.60 -6.50 41.31
CA GLN B 12 -4.58 -7.35 42.00
C GLN B 12 -5.40 -8.26 41.10
N LEU B 13 -6.05 -7.68 40.11
CA LEU B 13 -6.77 -8.47 39.10
C LEU B 13 -6.40 -7.89 37.74
N PRO B 14 -6.53 -8.67 36.67
CA PRO B 14 -6.08 -8.20 35.37
C PRO B 14 -6.80 -6.93 34.93
N ASN B 15 -6.07 -6.03 34.29
CA ASN B 15 -6.70 -4.97 33.53
C ASN B 15 -7.14 -5.54 32.20
N THR B 16 -8.28 -5.07 31.70
CA THR B 16 -8.85 -5.62 30.46
C THR B 16 -9.36 -4.45 29.62
N ILE B 17 -9.78 -4.73 28.40
CA ILE B 17 -10.40 -3.67 27.59
C ILE B 17 -11.60 -3.07 28.36
N LYS B 18 -12.39 -3.93 29.01
CA LYS B 18 -13.56 -3.45 29.74
C LYS B 18 -13.19 -2.61 30.99
N THR B 19 -12.22 -3.05 31.80
CA THR B 19 -11.85 -2.23 32.98
C THR B 19 -11.17 -0.92 32.59
N ILE B 20 -10.35 -0.96 31.55
CA ILE B 20 -9.69 0.26 31.07
C ILE B 20 -10.73 1.22 30.51
N THR B 21 -11.68 0.72 29.72
CA THR B 21 -12.81 1.49 29.22
C THR B 21 -13.54 2.23 30.37
N ASN B 22 -13.91 1.50 31.42
CA ASN B 22 -14.64 2.10 32.56
C ASN B 22 -13.80 3.18 33.25
N ASP B 23 -12.51 2.90 33.41
CA ASP B 23 -11.58 3.85 34.00
C ASP B 23 -11.45 5.11 33.17
N LEU B 24 -11.39 4.99 31.86
CA LEU B 24 -11.32 6.17 30.97
C LEU B 24 -12.60 7.01 31.12
N ARG B 25 -13.74 6.35 31.16
CA ARG B 25 -15.02 7.05 31.38
C ARG B 25 -15.07 7.75 32.73
N LYS B 26 -14.66 7.06 33.79
CA LYS B 26 -14.65 7.67 35.13
C LYS B 26 -13.77 8.92 35.22
N LEU B 27 -12.65 8.89 34.51
CA LEU B 27 -11.73 10.03 34.39
C LEU B 27 -12.30 11.23 33.63
N GLY B 28 -13.27 10.98 32.74
CA GLY B 28 -13.93 12.04 31.97
C GLY B 28 -13.82 11.96 30.46
N LEU B 29 -13.10 10.97 29.93
CA LEU B 29 -13.06 10.78 28.49
C LEU B 29 -14.47 10.42 27.97
N LYS B 30 -14.82 10.99 26.82
CA LYS B 30 -16.18 10.87 26.24
C LYS B 30 -16.20 10.73 24.73
N LYS B 31 -17.27 10.13 24.23
CA LYS B 31 -17.52 9.99 22.80
C LYS B 31 -17.44 11.35 22.13
N GLY B 32 -16.71 11.43 21.02
CA GLY B 32 -16.69 12.66 20.21
C GLY B 32 -15.59 13.60 20.62
N MSE B 33 -14.88 13.28 21.69
CA MSE B 33 -13.77 14.10 22.17
C MSE B 33 -12.55 14.01 21.22
O MSE B 33 -12.35 13.00 20.58
CB MSE B 33 -13.40 13.60 23.56
CG MSE B 33 -12.49 14.47 24.34
SE MSE B 33 -12.63 13.95 26.26
CE MSE B 33 -14.29 14.79 26.77
N THR B 34 -11.79 15.10 21.11
CA THR B 34 -10.50 15.12 20.43
C THR B 34 -9.44 15.04 21.51
N VAL B 35 -8.57 14.03 21.48
CA VAL B 35 -7.57 13.83 22.54
C VAL B 35 -6.18 13.32 22.05
N ILE B 36 -5.13 13.92 22.60
CA ILE B 36 -3.78 13.45 22.41
C ILE B 36 -3.37 12.68 23.66
N VAL B 37 -2.85 11.47 23.45
CA VAL B 37 -2.57 10.52 24.51
C VAL B 37 -1.05 10.27 24.58
N HIS B 38 -0.59 10.18 25.82
CA HIS B 38 0.81 9.88 26.16
C HIS B 38 0.73 8.84 27.27
N SER B 39 1.48 7.74 27.18
CA SER B 39 1.27 6.61 28.09
C SER B 39 2.55 5.84 28.36
N SER B 40 2.52 5.23 29.53
CA SER B 40 3.41 4.14 29.92
C SER B 40 2.54 2.94 30.17
N LEU B 41 2.76 1.86 29.43
CA LEU B 41 1.98 0.64 29.60
C LEU B 41 2.19 -0.02 30.95
N SER B 42 3.44 -0.05 31.38
CA SER B 42 3.76 -0.71 32.62
C SER B 42 3.12 -0.02 33.85
N SER B 43 2.90 1.29 33.81
CA SER B 43 2.30 2.01 34.94
C SER B 43 0.91 1.49 35.32
N ILE B 44 0.23 0.91 34.34
CA ILE B 44 -1.14 0.45 34.51
C ILE B 44 -1.22 -0.81 35.40
N GLY B 45 -0.20 -1.66 35.35
CA GLY B 45 -0.26 -2.99 35.93
C GLY B 45 -0.56 -3.93 34.77
N TRP B 46 -0.78 -5.20 35.08
CA TRP B 46 -0.78 -6.23 34.05
C TRP B 46 -2.08 -6.16 33.27
N ILE B 47 -1.96 -6.15 31.96
CA ILE B 47 -3.09 -5.95 31.09
C ILE B 47 -3.22 -7.18 30.19
N SER B 48 -4.43 -7.71 30.10
CA SER B 48 -4.71 -8.84 29.22
C SER B 48 -4.92 -8.30 27.79
N GLY B 49 -3.94 -8.51 26.93
CA GLY B 49 -3.89 -7.91 25.58
C GLY B 49 -2.88 -6.75 25.42
N GLY B 50 -2.23 -6.36 26.52
CA GLY B 50 -1.18 -5.35 26.47
C GLY B 50 -1.61 -4.07 25.77
N ALA B 51 -0.76 -3.60 24.84
CA ALA B 51 -1.02 -2.32 24.14
C ALA B 51 -2.26 -2.33 23.27
N VAL B 52 -2.59 -3.49 22.68
CA VAL B 52 -3.81 -3.64 21.86
C VAL B 52 -5.08 -3.35 22.71
N ALA B 53 -5.13 -3.85 23.95
CA ALA B 53 -6.22 -3.55 24.88
C ALA B 53 -6.40 -2.05 25.13
N VAL B 54 -5.29 -1.38 25.36
CA VAL B 54 -5.33 0.06 25.62
C VAL B 54 -5.89 0.83 24.41
N VAL B 55 -5.39 0.51 23.24
CA VAL B 55 -5.80 1.20 22.03
C VAL B 55 -7.28 0.93 21.78
N GLU B 56 -7.68 -0.33 21.95
CA GLU B 56 -9.08 -0.71 21.75
C GLU B 56 -9.99 0.00 22.72
N ALA B 57 -9.56 0.13 23.97
CA ALA B 57 -10.34 0.86 25.00
C ALA B 57 -10.54 2.35 24.67
N LEU B 58 -9.43 2.99 24.30
CA LEU B 58 -9.50 4.37 23.88
C LEU B 58 -10.49 4.55 22.72
N MSE B 59 -10.39 3.69 21.69
CA MSE B 59 -11.30 3.76 20.53
C MSE B 59 -12.75 3.51 20.90
O MSE B 59 -13.64 4.16 20.36
CB MSE B 59 -10.90 2.77 19.46
CG MSE B 59 -9.56 3.07 18.84
SE MSE B 59 -8.93 1.65 17.60
CE MSE B 59 -7.59 2.82 16.72
N GLU B 60 -12.98 2.56 21.80
CA GLU B 60 -14.29 2.27 22.35
C GLU B 60 -14.97 3.50 22.98
N VAL B 61 -14.20 4.30 23.73
CA VAL B 61 -14.75 5.48 24.40
C VAL B 61 -14.87 6.65 23.44
N ILE B 62 -13.80 6.97 22.74
CA ILE B 62 -13.79 8.12 21.82
C ILE B 62 -14.69 7.91 20.61
N THR B 63 -14.63 6.70 20.04
CA THR B 63 -15.32 6.30 18.82
C THR B 63 -14.80 7.09 17.62
N GLU B 64 -15.23 6.68 16.43
CA GLU B 64 -14.77 7.33 15.21
C GLU B 64 -15.39 8.72 15.01
N GLU B 65 -16.36 9.10 15.85
CA GLU B 65 -16.87 10.45 15.84
C GLU B 65 -15.93 11.42 16.54
N GLY B 66 -15.01 10.91 17.35
CA GLY B 66 -13.98 11.69 17.98
C GLY B 66 -12.65 11.41 17.29
N THR B 67 -11.55 11.92 17.87
CA THR B 67 -10.22 11.76 17.28
C THR B 67 -9.22 11.41 18.38
N ILE B 68 -8.36 10.43 18.10
CA ILE B 68 -7.24 10.08 18.97
C ILE B 68 -5.98 10.49 18.22
N ILE B 69 -5.13 11.25 18.89
CA ILE B 69 -3.82 11.60 18.35
C ILE B 69 -2.72 11.03 19.27
N MSE B 70 -1.64 10.53 18.70
CA MSE B 70 -0.44 10.26 19.48
C MSE B 70 0.83 10.73 18.76
O MSE B 70 0.92 10.69 17.53
CB MSE B 70 -0.33 8.77 19.79
CG MSE B 70 -1.49 8.24 20.60
SE MSE B 70 -1.17 6.34 21.13
CE MSE B 70 -3.06 5.92 21.41
N PRO B 71 1.83 11.17 19.52
CA PRO B 71 3.11 11.53 18.87
C PRO B 71 3.85 10.27 18.37
N THR B 72 4.45 10.35 17.18
CA THR B 72 5.12 9.20 16.53
C THR B 72 6.55 9.60 16.14
N GLN B 73 7.23 10.24 17.09
CA GLN B 73 8.52 10.86 16.81
C GLN B 73 9.55 9.79 16.50
N SER B 74 10.50 10.14 15.63
CA SER B 74 11.51 9.21 15.14
C SER B 74 12.86 9.86 15.14
N SER B 75 13.43 10.11 16.33
CA SER B 75 14.67 10.86 16.45
C SER B 75 15.96 10.13 16.01
N ASP B 76 15.88 8.83 15.72
CA ASP B 76 17.00 8.08 15.12
C ASP B 76 17.35 8.57 13.70
N LEU B 77 16.50 9.37 13.08
CA LEU B 77 16.79 9.93 11.75
C LEU B 77 17.51 11.30 11.83
N SER B 78 17.72 11.80 13.05
CA SER B 78 18.28 13.14 13.25
C SER B 78 19.80 13.15 13.01
N ASP B 79 20.35 14.35 12.87
CA ASP B 79 21.76 14.51 12.61
C ASP B 79 22.58 13.95 13.77
N PRO B 80 23.47 12.99 13.51
CA PRO B 80 24.25 12.38 14.59
C PRO B 80 25.23 13.29 15.38
N LYS B 81 25.52 14.47 14.83
CA LYS B 81 26.45 15.41 15.47
C LYS B 81 25.95 15.77 16.85
N HIS B 82 24.64 15.84 17.01
CA HIS B 82 24.02 16.23 18.27
C HIS B 82 23.50 15.06 19.12
N TRP B 83 23.84 13.82 18.78
CA TRP B 83 23.39 12.69 19.57
C TRP B 83 24.08 12.60 20.94
N SER B 84 23.32 12.24 21.96
CA SER B 84 23.90 11.92 23.27
C SER B 84 23.39 10.60 23.87
N ARG B 85 22.55 9.86 23.13
CA ARG B 85 21.83 8.72 23.71
C ARG B 85 21.91 7.44 22.85
N PRO B 86 23.14 6.95 22.57
CA PRO B 86 24.43 7.43 23.00
C PRO B 86 25.06 8.25 21.88
N PRO B 87 26.13 8.99 22.17
CA PRO B 87 26.80 9.62 21.04
C PRO B 87 27.51 8.54 20.23
N VAL B 88 27.90 8.86 19.01
CA VAL B 88 28.67 7.91 18.19
C VAL B 88 29.90 8.64 17.66
N PRO B 89 30.96 7.89 17.28
CA PRO B 89 32.21 8.51 16.82
C PRO B 89 31.98 9.49 15.65
N GLU B 90 32.71 10.60 15.66
CA GLU B 90 32.62 11.61 14.60
C GLU B 90 32.90 11.07 13.19
N GLU B 91 33.81 10.10 13.05
CA GLU B 91 34.06 9.46 11.75
C GLU B 91 32.80 8.79 11.17
N TRP B 92 31.75 8.65 11.95
CA TRP B 92 30.52 7.99 11.48
C TRP B 92 29.51 8.98 10.97
N TRP B 93 29.59 10.24 11.39
CA TRP B 93 28.51 11.19 11.21
C TRP B 93 28.07 11.37 9.75
N GLN B 94 29.03 11.51 8.84
CA GLN B 94 28.71 11.76 7.44
C GLN B 94 28.24 10.47 6.77
N ILE B 95 28.75 9.33 7.24
CA ILE B 95 28.27 8.05 6.73
C ILE B 95 26.77 7.88 7.09
N ILE B 96 26.41 8.32 8.29
CA ILE B 96 25.00 8.25 8.73
C ILE B 96 24.12 9.16 7.86
N ARG B 97 24.54 10.39 7.64
CA ARG B 97 23.77 11.32 6.83
C ARG B 97 23.55 10.79 5.43
N ASP B 98 24.56 10.09 4.93
CA ASP B 98 24.53 9.57 3.57
C ASP B 98 23.79 8.25 3.45
N ASN B 99 23.52 7.57 4.57
CA ASN B 99 22.98 6.19 4.50
C ASN B 99 21.71 5.88 5.28
N VAL B 100 21.37 6.69 6.27
CA VAL B 100 20.17 6.40 7.07
C VAL B 100 18.96 6.42 6.13
N PRO B 101 18.10 5.37 6.19
CA PRO B 101 16.94 5.40 5.30
C PRO B 101 16.01 6.59 5.56
N ALA B 102 15.46 7.13 4.48
CA ALA B 102 14.55 8.27 4.54
C ALA B 102 13.27 7.93 5.28
N PHE B 103 12.69 8.93 5.91
CA PHE B 103 11.41 8.81 6.55
C PHE B 103 10.34 8.33 5.58
N GLU B 104 9.62 7.28 5.97
CA GLU B 104 8.44 6.84 5.24
C GLU B 104 7.32 6.52 6.25
N PRO B 105 6.16 7.19 6.18
CA PRO B 105 5.17 7.09 7.30
C PRO B 105 4.65 5.70 7.59
N HIS B 106 4.57 4.86 6.58
CA HIS B 106 4.08 3.52 6.78
C HIS B 106 5.14 2.57 7.36
N ILE B 107 6.40 3.04 7.46
CA ILE B 107 7.56 2.19 7.79
C ILE B 107 8.38 2.65 9.00
N THR B 108 8.69 3.94 9.08
CA THR B 108 9.69 4.39 10.02
C THR B 108 9.22 4.23 11.46
N PRO B 109 9.93 3.42 12.24
CA PRO B 109 9.51 3.21 13.63
C PRO B 109 9.71 4.44 14.50
N THR B 110 9.03 4.42 15.65
CA THR B 110 9.14 5.47 16.63
C THR B 110 10.32 5.19 17.58
N ARG B 111 10.78 6.21 18.27
CA ARG B 111 11.76 6.07 19.34
C ARG B 111 11.23 6.78 20.56
N ALA B 112 11.16 6.05 21.67
CA ALA B 112 10.81 6.60 22.97
C ALA B 112 9.37 7.03 23.08
N MSE B 113 8.47 6.48 22.24
CA MSE B 113 7.03 6.83 22.32
C MSE B 113 6.22 5.82 23.13
O MSE B 113 5.19 6.15 23.69
CB MSE B 113 6.43 7.00 20.94
CG MSE B 113 7.10 8.08 20.10
SE MSE B 113 6.83 9.92 20.73
CE MSE B 113 8.65 10.35 21.40
N GLY B 114 6.71 4.57 23.17
CA GLY B 114 6.07 3.56 23.96
C GLY B 114 5.35 2.56 23.08
N LYS B 115 5.12 1.38 23.65
CA LYS B 115 4.48 0.29 22.95
C LYS B 115 3.03 0.61 22.54
N VAL B 116 2.34 1.44 23.31
CA VAL B 116 1.01 1.86 22.92
C VAL B 116 1.06 2.62 21.58
N VAL B 117 2.04 3.51 21.39
CA VAL B 117 2.17 4.25 20.14
C VAL B 117 2.52 3.33 18.96
N GLU B 118 3.41 2.38 19.22
CA GLU B 118 3.86 1.44 18.18
C GLU B 118 2.71 0.55 17.70
N CYS B 119 1.83 0.17 18.61
CA CYS B 119 0.61 -0.54 18.23
C CYS B 119 -0.33 0.41 17.48
N PHE B 120 -0.64 1.56 18.08
CA PHE B 120 -1.60 2.54 17.50
C PHE B 120 -1.24 2.90 16.07
N ARG B 121 0.03 3.19 15.85
CA ARG B 121 0.56 3.67 14.57
C ARG B 121 0.20 2.75 13.39
N THR B 122 0.20 1.45 13.66
CA THR B 122 -0.02 0.46 12.65
C THR B 122 -1.49 0.01 12.55
N TYR B 123 -2.40 0.60 13.33
CA TYR B 123 -3.80 0.23 13.23
C TYR B 123 -4.36 0.67 11.90
N PRO B 124 -5.35 -0.09 11.41
CA PRO B 124 -6.11 0.32 10.26
C PRO B 124 -6.77 1.69 10.47
N ASN B 125 -6.80 2.45 9.39
CA ASN B 125 -7.40 3.76 9.35
C ASN B 125 -6.66 4.82 10.16
N VAL B 126 -5.46 4.52 10.68
CA VAL B 126 -4.65 5.55 11.36
C VAL B 126 -3.76 6.22 10.33
N VAL B 127 -3.75 7.54 10.37
CA VAL B 127 -3.04 8.38 9.41
C VAL B 127 -1.84 8.99 10.12
N ARG B 128 -0.71 9.09 9.43
CA ARG B 128 0.47 9.70 10.06
C ARG B 128 0.90 10.94 9.27
N SER B 129 1.30 11.97 9.99
CA SER B 129 1.80 13.18 9.35
C SER B 129 3.16 12.95 8.70
N ASN B 130 3.56 13.92 7.88
CA ASN B 130 4.75 13.90 7.10
C ASN B 130 5.78 14.80 7.72
N HIS B 131 6.52 14.28 8.69
CA HIS B 131 7.66 14.99 9.27
C HIS B 131 8.63 13.89 9.66
N PRO B 132 9.89 14.06 9.30
CA PRO B 132 10.81 12.95 9.46
C PRO B 132 11.35 12.74 10.88
N LEU B 133 11.16 13.73 11.78
CA LEU B 133 11.55 13.64 13.19
C LEU B 133 10.39 13.74 14.18
N GLY B 134 9.43 14.60 13.87
CA GLY B 134 8.37 15.01 14.78
C GLY B 134 6.96 14.78 14.27
N SER B 135 6.75 13.65 13.60
CA SER B 135 5.41 13.28 13.19
C SER B 135 4.46 12.87 14.32
N PHE B 136 3.18 12.86 13.94
CA PHE B 136 2.05 12.45 14.74
C PHE B 136 1.17 11.50 13.94
N ALA B 137 0.44 10.66 14.65
CA ALA B 137 -0.52 9.74 14.08
C ALA B 137 -1.90 10.05 14.65
N ALA B 138 -2.92 9.88 13.83
CA ALA B 138 -4.29 10.17 14.27
C ALA B 138 -5.35 9.21 13.71
N TRP B 139 -6.45 9.06 14.44
CA TRP B 139 -7.53 8.16 14.13
C TRP B 139 -8.86 8.83 14.45
N GLY B 140 -9.76 8.82 13.48
CA GLY B 140 -11.11 9.26 13.73
C GLY B 140 -11.50 10.43 12.83
N ARG B 141 -12.44 11.22 13.33
CA ARG B 141 -13.14 12.23 12.53
C ARG B 141 -12.22 13.30 11.93
N HIS B 142 -11.26 13.79 12.72
CA HIS B 142 -10.37 14.87 12.25
C HIS B 142 -8.94 14.38 12.03
N ALA B 143 -8.76 13.06 11.86
CA ALA B 143 -7.43 12.46 11.66
C ALA B 143 -6.65 13.06 10.48
N GLU B 144 -7.30 13.16 9.32
CA GLU B 144 -6.69 13.78 8.15
C GLU B 144 -6.43 15.29 8.34
N GLU B 145 -7.45 16.04 8.76
CA GLU B 145 -7.30 17.48 9.03
C GLU B 145 -6.10 17.76 9.92
N ILE B 146 -5.99 17.00 11.01
CA ILE B 146 -4.93 17.20 12.03
C ILE B 146 -3.53 16.92 11.49
N THR B 147 -3.39 15.89 10.66
CA THR B 147 -2.08 15.38 10.27
C THR B 147 -1.58 15.95 8.93
N VAL B 148 -2.48 16.51 8.12
CA VAL B 148 -2.14 16.84 6.75
C VAL B 148 -1.27 18.10 6.78
N ASN B 149 -0.28 18.16 5.89
CA ASN B 149 0.54 19.36 5.64
C ASN B 149 1.25 19.92 6.85
N GLN B 150 1.80 19.04 7.69
CA GLN B 150 2.66 19.50 8.77
C GLN B 150 3.89 20.15 8.15
N SER B 151 4.24 21.34 8.62
CA SER B 151 5.42 22.05 8.11
C SER B 151 6.72 21.31 8.46
N LEU B 152 7.73 21.34 7.59
CA LEU B 152 9.03 20.74 7.95
C LEU B 152 9.72 21.59 9.04
N SER B 153 9.79 22.90 8.83
CA SER B 153 10.26 23.81 9.86
C SER B 153 9.21 23.94 10.97
N MSE B 154 9.69 24.28 12.17
CA MSE B 154 8.83 24.51 13.34
C MSE B 154 7.81 23.38 13.48
O MSE B 154 6.60 23.58 13.36
CB MSE B 154 8.15 25.86 13.26
CG MSE B 154 9.11 27.04 13.04
SE MSE B 154 10.57 27.07 14.36
CE MSE B 154 9.52 27.05 16.01
N SER B 155 8.34 22.21 13.79
CA SER B 155 7.59 20.95 13.72
C SER B 155 6.47 20.84 14.76
N LEU B 156 6.59 21.55 15.88
CA LEU B 156 5.54 21.56 16.91
C LEU B 156 4.91 22.94 16.99
N GLY B 157 4.94 23.68 15.91
CA GLY B 157 4.54 25.08 15.90
C GLY B 157 3.15 25.28 15.31
N GLU B 158 2.96 26.45 14.70
CA GLU B 158 1.63 26.92 14.24
C GLU B 158 1.07 26.14 13.05
N GLU B 159 1.95 25.47 12.30
CA GLU B 159 1.53 24.60 11.20
C GLU B 159 1.70 23.12 11.53
N SER B 160 1.55 22.76 12.80
CA SER B 160 1.69 21.37 13.26
C SER B 160 0.37 20.80 13.73
N PRO B 161 0.31 19.47 13.85
CA PRO B 161 -0.81 18.86 14.55
C PRO B 161 -1.18 19.49 15.89
N LEU B 162 -0.21 20.07 16.63
CA LEU B 162 -0.52 20.70 17.93
C LEU B 162 -1.48 21.88 17.82
N ARG B 163 -1.22 22.73 16.84
CA ARG B 163 -2.07 23.85 16.57
C ARG B 163 -3.45 23.38 16.11
N LYS B 164 -3.54 22.30 15.34
CA LYS B 164 -4.84 21.84 14.88
C LYS B 164 -5.69 21.31 16.03
N ILE B 165 -5.04 20.63 16.97
CA ILE B 165 -5.71 20.18 18.21
C ILE B 165 -6.18 21.38 19.05
N TYR B 166 -5.33 22.40 19.14
CA TYR B 166 -5.68 23.65 19.82
C TYR B 166 -6.94 24.26 19.24
N ASP B 167 -7.01 24.35 17.92
CA ASP B 167 -8.16 24.93 17.25
C ASP B 167 -9.45 24.10 17.45
N LEU B 168 -9.31 22.80 17.61
CA LEU B 168 -10.43 21.93 17.91
C LEU B 168 -10.77 21.87 19.40
N ASP B 169 -9.95 22.57 20.21
CA ASP B 169 -10.15 22.68 21.65
C ASP B 169 -10.13 21.26 22.25
N GLY B 170 -9.09 20.52 21.92
CA GLY B 170 -8.97 19.15 22.33
C GLY B 170 -8.43 18.98 23.74
N TYR B 171 -8.27 17.72 24.13
CA TYR B 171 -7.79 17.33 25.44
C TYR B 171 -6.45 16.64 25.38
N ILE B 172 -5.75 16.62 26.52
CA ILE B 172 -4.51 15.85 26.71
C ILE B 172 -4.76 14.81 27.79
N LEU B 173 -4.48 13.56 27.47
CA LEU B 173 -4.56 12.46 28.42
C LEU B 173 -3.15 11.95 28.68
N LEU B 174 -2.70 12.05 29.95
CA LEU B 174 -1.42 11.47 30.40
C LEU B 174 -1.70 10.22 31.24
N ILE B 175 -1.21 9.06 30.80
CA ILE B 175 -1.42 7.79 31.49
C ILE B 175 -0.13 7.30 32.12
N GLY B 176 -0.01 7.47 33.45
CA GLY B 176 1.17 7.06 34.18
C GLY B 176 2.47 7.70 33.72
N VAL B 177 2.36 8.88 33.13
CA VAL B 177 3.55 9.67 32.76
C VAL B 177 3.38 11.15 33.16
N GLY B 178 4.47 11.89 33.13
CA GLY B 178 4.52 13.25 33.61
C GLY B 178 4.50 14.28 32.51
N TYR B 179 4.54 15.55 32.93
CA TYR B 179 4.43 16.66 32.00
C TYR B 179 5.63 16.73 31.06
N ASP B 180 6.74 16.15 31.47
CA ASP B 180 7.87 16.01 30.57
C ASP B 180 7.58 15.18 29.33
N SER B 181 6.44 14.51 29.26
CA SER B 181 6.05 13.83 28.03
C SER B 181 4.94 14.59 27.33
N ASN B 182 4.56 15.72 27.90
CA ASN B 182 3.42 16.46 27.37
C ASN B 182 3.84 17.31 26.17
N THR B 183 3.84 16.70 25.00
CA THR B 183 4.28 17.32 23.74
C THR B 183 3.64 18.68 23.42
N SER B 184 2.37 18.86 23.76
CA SER B 184 1.64 20.12 23.48
C SER B 184 2.31 21.36 24.06
N VAL B 185 3.02 21.19 25.16
CA VAL B 185 3.72 22.31 25.76
C VAL B 185 4.86 22.82 24.85
N GLY B 186 5.27 22.02 23.86
CA GLY B 186 6.16 22.49 22.80
C GLY B 186 5.63 23.73 22.08
N LEU B 187 4.31 23.80 21.93
CA LEU B 187 3.63 24.92 21.27
C LEU B 187 3.73 26.14 22.17
N SER B 188 3.73 25.95 23.49
CA SER B 188 3.96 27.09 24.40
C SER B 188 5.32 27.70 24.16
N GLU B 189 6.30 26.83 23.99
CA GLU B 189 7.67 27.23 23.71
C GLU B 189 7.76 28.02 22.43
N VAL B 190 7.12 27.56 21.37
CA VAL B 190 7.11 28.29 20.09
C VAL B 190 6.49 29.66 20.31
N ARG B 191 5.33 29.68 20.94
CA ARG B 191 4.54 30.89 21.10
C ARG B 191 5.14 31.96 22.02
N SER B 192 6.09 31.56 22.86
CA SER B 192 6.70 32.46 23.85
C SER B 192 8.14 32.85 23.48
N GLY B 193 8.66 32.28 22.40
CA GLY B 193 10.09 32.46 22.06
C GLY B 193 11.07 31.83 23.04
N ALA B 194 10.63 30.82 23.79
CA ALA B 194 11.35 30.39 25.02
C ALA B 194 12.57 29.52 24.76
N CYS B 195 12.74 29.05 23.54
CA CYS B 195 13.94 28.30 23.20
C CYS B 195 14.63 28.88 21.97
N GLU B 196 15.93 28.59 21.89
CA GLU B 196 16.77 28.95 20.76
C GLU B 196 16.30 28.28 19.50
N LEU B 197 16.59 28.89 18.36
CA LEU B 197 16.46 28.19 17.08
C LEU B 197 17.71 27.35 16.82
N ILE B 198 17.53 26.26 16.07
CA ILE B 198 18.65 25.44 15.62
C ILE B 198 18.40 25.00 14.17
N LYS B 199 19.47 24.86 13.42
CA LYS B 199 19.40 24.21 12.12
C LYS B 199 19.42 22.69 12.38
N VAL B 200 18.52 21.97 11.71
CA VAL B 200 18.36 20.54 11.97
C VAL B 200 18.36 19.85 10.62
N GLY B 201 18.59 18.54 10.62
CA GLY B 201 18.63 17.76 9.39
C GLY B 201 17.88 16.46 9.57
N ALA B 202 17.46 15.90 8.44
CA ALA B 202 16.83 14.59 8.40
C ALA B 202 16.72 14.09 6.96
N PRO B 203 16.68 12.77 6.76
CA PRO B 203 16.55 12.25 5.42
C PRO B 203 15.08 12.14 5.04
N ILE B 204 14.77 12.59 3.84
CA ILE B 204 13.41 12.60 3.33
C ILE B 204 13.43 12.17 1.90
N ILE B 205 12.26 11.83 1.38
CA ILE B 205 12.11 11.55 -0.05
C ILE B 205 11.58 12.83 -0.68
N GLU B 206 12.36 13.41 -1.60
CA GLU B 206 12.00 14.65 -2.27
C GLU B 206 12.05 14.39 -3.76
N ASN B 207 10.93 14.62 -4.45
CA ASN B 207 10.86 14.36 -5.91
C ASN B 207 11.42 12.98 -6.28
N GLY B 208 11.05 11.98 -5.48
CA GLY B 208 11.47 10.60 -5.69
C GLY B 208 12.91 10.22 -5.34
N GLU B 209 13.67 11.15 -4.74
CA GLU B 209 15.06 10.86 -4.33
C GLU B 209 15.22 11.08 -2.82
N ARG B 210 16.03 10.23 -2.21
CA ARG B 210 16.44 10.44 -0.85
C ARG B 210 17.28 11.69 -0.84
N VAL B 211 17.02 12.60 0.07
CA VAL B 211 17.89 13.77 0.28
C VAL B 211 18.04 13.99 1.78
N TRP B 212 19.24 14.35 2.20
CA TRP B 212 19.44 14.87 3.54
C TRP B 212 18.97 16.31 3.46
N LYS B 213 17.88 16.64 4.15
CA LYS B 213 17.24 17.95 4.03
C LYS B 213 17.51 18.74 5.30
N GLU B 214 17.80 20.03 5.14
CA GLU B 214 18.01 20.88 6.30
C GLU B 214 16.86 21.82 6.48
N PHE B 215 16.58 22.12 7.74
CA PHE B 215 15.48 23.01 8.06
C PHE B 215 15.73 23.62 9.44
N VAL B 216 14.88 24.57 9.81
CA VAL B 216 15.00 25.22 11.11
C VAL B 216 13.91 24.70 12.02
N ASP B 217 14.29 24.47 13.28
CA ASP B 217 13.33 24.11 14.29
C ASP B 217 13.74 24.75 15.61
N MSE B 218 12.93 24.54 16.63
CA MSE B 218 13.26 25.04 17.94
C MSE B 218 13.98 23.95 18.71
O MSE B 218 13.74 22.77 18.49
CB MSE B 218 12.01 25.50 18.66
CG MSE B 218 12.32 26.28 19.91
SE MSE B 218 10.80 27.35 20.53
CE MSE B 218 10.96 28.83 19.23
N ASP B 219 14.87 24.37 19.61
CA ASP B 219 15.60 23.48 20.51
C ASP B 219 14.69 23.07 21.71
N TYR B 220 13.59 22.38 21.44
CA TYR B 220 12.54 22.11 22.47
C TYR B 220 13.15 21.49 23.74
N ASP B 221 12.78 22.02 24.91
CA ASP B 221 13.38 21.58 26.18
C ASP B 221 12.29 21.10 27.16
N SER B 222 12.28 19.80 27.41
CA SER B 222 11.28 19.14 28.25
C SER B 222 11.47 19.31 29.75
N ASP B 223 12.67 19.68 30.16
CA ASP B 223 13.01 19.58 31.57
C ASP B 223 12.60 20.85 32.35
N LYS B 224 11.91 21.77 31.67
CA LYS B 224 11.12 22.80 32.34
C LYS B 224 9.65 22.39 32.41
N PHE B 225 9.24 21.35 31.68
CA PHE B 225 7.84 20.94 31.65
C PHE B 225 7.33 20.45 32.99
N VAL B 226 8.18 19.80 33.77
CA VAL B 226 7.77 19.34 35.09
C VAL B 226 7.49 20.53 36.00
N GLU B 227 8.32 21.56 35.88
CA GLU B 227 8.12 22.76 36.69
C GLU B 227 6.83 23.45 36.25
N ILE B 228 6.59 23.50 34.95
CA ILE B 228 5.36 24.10 34.45
C ILE B 228 4.14 23.35 35.00
N GLY B 229 4.21 22.02 34.98
CA GLY B 229 3.10 21.14 35.44
C GLY B 229 2.79 21.23 36.92
N VAL B 230 3.84 21.34 37.73
CA VAL B 230 3.72 21.59 39.15
C VAL B 230 2.91 22.90 39.37
N GLU B 231 3.25 23.97 38.67
CA GLU B 231 2.49 25.24 38.79
C GLU B 231 1.08 25.17 38.17
N PHE B 232 0.96 24.46 37.04
CA PHE B 232 -0.36 24.27 36.43
C PHE B 232 -1.33 23.58 37.39
N GLU B 233 -0.85 22.57 38.09
CA GLU B 233 -1.70 21.86 39.04
C GLU B 233 -2.06 22.64 40.30
N GLN B 234 -1.36 23.75 40.58
CA GLN B 234 -1.77 24.64 41.67
C GLN B 234 -2.70 25.75 41.20
N LYS B 235 -2.84 25.91 39.89
CA LYS B 235 -3.45 27.11 39.32
C LYS B 235 -4.47 26.87 38.25
N GLY B 236 -4.35 25.78 37.51
CA GLY B 236 -5.21 25.55 36.37
C GLY B 236 -6.13 24.35 36.55
N THR B 237 -6.86 24.06 35.49
CA THR B 237 -7.94 23.08 35.52
C THR B 237 -7.36 21.75 35.02
N VAL B 238 -7.43 20.72 35.86
CA VAL B 238 -6.94 19.42 35.46
C VAL B 238 -7.59 18.34 36.31
N THR B 239 -7.98 17.26 35.65
CA THR B 239 -8.63 16.13 36.32
C THR B 239 -7.60 15.04 36.51
N MSE B 240 -7.52 14.51 37.73
CA MSE B 240 -6.62 13.42 38.02
C MSE B 240 -7.34 12.23 38.59
O MSE B 240 -8.22 12.35 39.42
CB MSE B 240 -5.55 13.84 39.01
CG MSE B 240 -4.93 15.15 38.61
SE MSE B 240 -3.52 15.56 39.84
CE MSE B 240 -3.94 17.44 40.14
N GLY B 241 -6.97 11.06 38.08
CA GLY B 241 -7.57 9.83 38.49
C GLY B 241 -6.63 8.69 38.17
N LYS B 242 -7.20 7.50 38.13
CA LYS B 242 -6.44 6.28 37.86
C LYS B 242 -6.98 5.40 36.72
N ILE B 243 -6.05 4.82 35.97
CA ILE B 243 -6.28 3.69 35.08
C ILE B 243 -5.43 2.54 35.65
N GLY B 244 -6.08 1.57 36.31
CA GLY B 244 -5.38 0.51 37.03
C GLY B 244 -4.53 1.18 38.10
N ASN B 245 -3.25 0.79 38.19
CA ASN B 245 -2.27 1.38 39.11
C ASN B 245 -1.75 2.77 38.68
N ALA B 246 -2.07 3.21 37.46
CA ALA B 246 -1.47 4.43 36.89
C ALA B 246 -2.17 5.69 37.35
N LYS B 247 -1.39 6.71 37.70
CA LYS B 247 -1.95 8.02 37.93
C LYS B 247 -2.07 8.72 36.58
N CYS B 248 -3.26 9.22 36.29
CA CYS B 248 -3.54 9.85 35.01
C CYS B 248 -4.09 11.23 35.14
N ARG B 249 -3.85 12.02 34.12
CA ARG B 249 -4.31 13.39 34.08
C ARG B 249 -5.05 13.65 32.78
N LEU B 250 -6.19 14.32 32.88
CA LEU B 250 -6.95 14.76 31.72
C LEU B 250 -7.17 16.27 31.82
N MSE B 251 -6.78 16.99 30.80
CA MSE B 251 -6.85 18.46 30.79
C MSE B 251 -7.15 18.96 29.39
O MSE B 251 -6.92 18.25 28.42
CB MSE B 251 -5.53 19.08 31.26
CG MSE B 251 -4.42 18.98 30.23
SE MSE B 251 -2.59 18.98 30.97
CE MSE B 251 -2.57 17.20 31.81
N LYS B 252 -7.67 20.17 29.31
CA LYS B 252 -7.93 20.82 28.04
C LYS B 252 -6.59 21.32 27.49
N GLN B 253 -6.28 20.99 26.25
CA GLN B 253 -4.99 21.40 25.63
C GLN B 253 -4.82 22.92 25.74
N ARG B 254 -5.87 23.69 25.47
CA ARG B 254 -5.75 25.15 25.49
C ARG B 254 -5.37 25.64 26.86
N ASP B 255 -5.85 24.96 27.89
CA ASP B 255 -5.54 25.39 29.26
C ASP B 255 -4.06 25.28 29.55
N ILE B 256 -3.46 24.13 29.25
CA ILE B 256 -2.04 23.90 29.50
C ILE B 256 -1.15 24.73 28.52
N VAL B 257 -1.55 24.83 27.27
CA VAL B 257 -0.77 25.64 26.29
C VAL B 257 -0.72 27.13 26.64
N ASP B 258 -1.87 27.71 26.93
CA ASP B 258 -1.93 29.13 27.25
C ASP B 258 -1.18 29.38 28.59
N PHE B 259 -1.33 28.46 29.54
CA PHE B 259 -0.60 28.57 30.79
C PHE B 259 0.92 28.55 30.59
N GLY B 260 1.39 27.57 29.84
CA GLY B 260 2.81 27.47 29.55
C GLY B 260 3.32 28.68 28.77
N THR B 261 2.51 29.20 27.84
CA THR B 261 2.92 30.39 27.07
C THR B 261 3.14 31.57 28.01
N GLU B 262 2.22 31.77 28.95
CA GLU B 262 2.31 32.85 29.91
C GLU B 262 3.48 32.62 30.86
N TRP B 263 3.72 31.37 31.23
CA TRP B 263 4.81 30.98 32.13
C TRP B 263 6.21 31.26 31.55
N PHE B 264 6.40 30.92 30.28
CA PHE B 264 7.68 31.20 29.60
C PHE B 264 7.97 32.70 29.42
N ARG B 265 6.93 33.51 29.22
CA ARG B 265 7.08 34.99 29.12
C ARG B 265 7.54 35.65 30.42
N LYS B 266 7.20 34.98 31.52
CA LYS B 266 7.59 35.38 32.87
C LYS B 266 6.55 36.32 33.46
N ALA C 3 23.82 -1.33 27.20
CA ALA C 3 23.66 -2.24 26.02
C ALA C 3 23.97 -1.49 24.72
N MSE C 4 23.34 -0.33 24.51
CA MSE C 4 23.57 0.45 23.28
C MSE C 4 25.01 0.98 23.19
O MSE C 4 25.62 1.02 22.12
CB MSE C 4 22.55 1.59 23.13
CG MSE C 4 21.22 1.18 22.45
SE MSE C 4 21.36 0.54 20.57
CE MSE C 4 23.04 1.44 20.16
N ASN C 5 25.56 1.37 24.33
CA ASN C 5 26.94 1.79 24.38
C ASN C 5 27.90 0.68 24.04
N ASP C 6 27.60 -0.53 24.50
CA ASP C 6 28.42 -1.68 24.16
C ASP C 6 28.31 -1.98 22.67
N ILE C 7 27.13 -1.83 22.10
CA ILE C 7 26.93 -2.04 20.67
C ILE C 7 27.75 -1.04 19.85
N VAL C 8 27.67 0.24 20.19
CA VAL C 8 28.49 1.25 19.53
C VAL C 8 29.99 0.89 19.73
N ALA C 9 30.37 0.51 20.95
CA ALA C 9 31.78 0.19 21.26
C ALA C 9 32.35 -0.96 20.42
N SER C 10 31.52 -1.96 20.15
CA SER C 10 31.95 -3.17 19.46
C SER C 10 31.88 -3.05 17.93
N THR C 11 31.63 -1.83 17.44
CA THR C 11 31.45 -1.54 16.03
C THR C 11 32.51 -0.55 15.58
N GLN C 12 33.23 -0.92 14.53
CA GLN C 12 34.26 -0.05 13.97
C GLN C 12 33.71 1.06 13.06
N LEU C 13 32.85 0.71 12.10
CA LEU C 13 32.14 1.69 11.28
C LEU C 13 30.68 1.24 11.13
N PRO C 14 29.77 2.21 10.91
CA PRO C 14 28.38 1.86 10.86
C PRO C 14 28.08 0.78 9.82
N ASN C 15 27.25 -0.16 10.22
CA ASN C 15 26.59 -1.03 9.27
C ASN C 15 25.47 -0.25 8.55
N THR C 16 25.31 -0.49 7.25
CA THR C 16 24.33 0.24 6.43
C THR C 16 23.56 -0.73 5.56
N ILE C 17 22.57 -0.23 4.86
CA ILE C 17 21.86 -1.05 3.90
C ILE C 17 22.91 -1.67 2.98
N LYS C 18 23.80 -0.83 2.42
CA LYS C 18 24.83 -1.33 1.48
C LYS C 18 25.78 -2.37 2.09
N THR C 19 26.28 -2.15 3.31
CA THR C 19 27.22 -3.09 3.92
C THR C 19 26.55 -4.44 4.23
N ILE C 20 25.31 -4.40 4.70
CA ILE C 20 24.54 -5.61 5.01
C ILE C 20 24.26 -6.37 3.70
N THR C 21 23.89 -5.63 2.66
CA THR C 21 23.65 -6.17 1.34
C THR C 21 24.86 -6.92 0.82
N ASN C 22 26.05 -6.34 0.94
CA ASN C 22 27.28 -7.05 0.57
C ASN C 22 27.58 -8.28 1.43
N ASP C 23 27.37 -8.18 2.75
CA ASP C 23 27.56 -9.30 3.67
C ASP C 23 26.62 -10.47 3.37
N LEU C 24 25.38 -10.15 3.00
CA LEU C 24 24.40 -11.16 2.61
C LEU C 24 24.83 -11.92 1.36
N ARG C 25 25.19 -11.19 0.31
CA ARG C 25 25.74 -11.77 -0.93
C ARG C 25 27.00 -12.62 -0.70
N LYS C 26 27.90 -12.15 0.12
CA LYS C 26 29.07 -12.95 0.53
C LYS C 26 28.71 -14.30 1.17
N LEU C 27 27.60 -14.33 1.92
CA LEU C 27 27.14 -15.52 2.63
C LEU C 27 26.48 -16.52 1.68
N GLY C 28 26.02 -16.03 0.54
CA GLY C 28 25.41 -16.87 -0.47
C GLY C 28 23.95 -16.57 -0.74
N LEU C 29 23.40 -15.54 -0.08
CA LEU C 29 22.07 -15.09 -0.40
C LEU C 29 22.04 -14.55 -1.85
N LYS C 30 20.99 -14.91 -2.61
CA LYS C 30 20.90 -14.60 -4.04
C LYS C 30 19.51 -14.11 -4.45
N LYS C 31 19.46 -13.33 -5.52
CA LYS C 31 18.18 -12.97 -6.16
C LYS C 31 17.32 -14.20 -6.36
N GLY C 32 16.03 -14.07 -6.08
CA GLY C 32 15.06 -15.10 -6.44
C GLY C 32 14.91 -16.26 -5.46
N MSE C 33 15.70 -16.24 -4.39
CA MSE C 33 15.73 -17.32 -3.43
C MSE C 33 14.50 -17.21 -2.49
O MSE C 33 13.95 -16.13 -2.27
CB MSE C 33 17.05 -17.18 -2.67
CG MSE C 33 17.46 -18.30 -1.77
SE MSE C 33 19.25 -17.84 -0.97
CE MSE C 33 20.37 -18.57 -2.33
N THR C 34 14.03 -18.37 -2.00
CA THR C 34 13.04 -18.43 -0.95
C THR C 34 13.79 -18.62 0.36
N VAL C 35 13.60 -17.71 1.33
CA VAL C 35 14.35 -17.79 2.58
C VAL C 35 13.52 -17.42 3.81
N ILE C 36 13.62 -18.25 4.84
CA ILE C 36 13.06 -17.93 6.16
C ILE C 36 14.19 -17.41 7.03
N VAL C 37 13.94 -16.26 7.65
CA VAL C 37 14.95 -15.51 8.40
C VAL C 37 14.64 -15.42 9.91
N HIS C 38 15.67 -15.63 10.73
CA HIS C 38 15.66 -15.49 12.19
C HIS C 38 16.85 -14.64 12.57
N SER C 39 16.65 -13.70 13.48
CA SER C 39 17.69 -12.72 13.75
C SER C 39 17.67 -12.09 15.12
N SER C 40 18.86 -11.61 15.47
CA SER C 40 19.10 -10.70 16.56
C SER C 40 19.70 -9.44 15.96
N LEU C 41 18.97 -8.34 16.10
CA LEU C 41 19.43 -7.06 15.61
C LEU C 41 20.76 -6.69 16.29
N SER C 42 20.78 -6.73 17.60
CA SER C 42 21.98 -6.32 18.36
C SER C 42 23.26 -7.07 18.00
N SER C 43 23.17 -8.32 17.54
CA SER C 43 24.36 -9.14 17.25
C SER C 43 25.20 -8.57 16.11
N ILE C 44 24.57 -7.79 15.25
CA ILE C 44 25.22 -7.23 14.07
C ILE C 44 26.24 -6.13 14.42
N GLY C 45 25.97 -5.42 15.51
CA GLY C 45 26.70 -4.18 15.80
C GLY C 45 25.86 -3.02 15.28
N TRP C 46 26.38 -1.80 15.39
CA TRP C 46 25.51 -0.64 15.15
C TRP C 46 25.11 -0.41 13.69
N ILE C 47 23.81 -0.30 13.45
CA ILE C 47 23.27 -0.18 12.12
C ILE C 47 22.55 1.16 11.96
N SER C 48 22.92 1.90 10.93
CA SER C 48 22.22 3.15 10.56
C SER C 48 20.90 2.77 9.90
N GLY C 49 19.81 3.02 10.62
CA GLY C 49 18.45 2.65 10.20
C GLY C 49 17.93 1.40 10.90
N GLY C 50 18.77 0.77 11.73
CA GLY C 50 18.39 -0.34 12.62
C GLY C 50 17.64 -1.46 11.89
N ALA C 51 16.46 -1.78 12.39
CA ALA C 51 15.68 -2.90 11.82
C ALA C 51 15.23 -2.66 10.39
N VAL C 52 14.91 -1.40 10.06
CA VAL C 52 14.53 -1.04 8.69
C VAL C 52 15.69 -1.33 7.73
N ALA C 53 16.93 -1.02 8.10
CA ALA C 53 18.08 -1.26 7.23
C ALA C 53 18.26 -2.74 6.94
N VAL C 54 17.99 -3.57 7.93
CA VAL C 54 18.11 -5.03 7.80
C VAL C 54 17.05 -5.52 6.83
N VAL C 55 15.79 -5.15 7.10
CA VAL C 55 14.66 -5.51 6.21
C VAL C 55 14.89 -5.05 4.78
N GLU C 56 15.37 -3.83 4.59
CA GLU C 56 15.57 -3.35 3.23
C GLU C 56 16.74 -4.01 2.51
N ALA C 57 17.77 -4.35 3.29
CA ALA C 57 18.91 -5.07 2.74
C ALA C 57 18.49 -6.46 2.22
N LEU C 58 17.75 -7.21 3.05
CA LEU C 58 17.21 -8.52 2.63
C LEU C 58 16.37 -8.43 1.33
N MSE C 59 15.50 -7.43 1.26
CA MSE C 59 14.65 -7.22 0.09
C MSE C 59 15.45 -6.82 -1.15
O MSE C 59 15.10 -7.22 -2.26
CB MSE C 59 13.61 -6.12 0.37
CG MSE C 59 12.56 -6.50 1.40
SE MSE C 59 11.32 -5.01 1.81
CE MSE C 59 9.98 -6.04 2.85
N GLU C 60 16.50 -6.04 -0.96
CA GLU C 60 17.38 -5.67 -2.05
C GLU C 60 18.08 -6.92 -2.65
N VAL C 61 18.59 -7.80 -1.81
CA VAL C 61 19.23 -9.03 -2.30
C VAL C 61 18.22 -10.04 -2.88
N ILE C 62 17.14 -10.30 -2.15
CA ILE C 62 16.18 -11.35 -2.57
C ILE C 62 15.33 -10.90 -3.78
N THR C 63 14.95 -9.62 -3.78
CA THR C 63 14.03 -9.01 -4.74
C THR C 63 12.64 -9.60 -4.69
N GLU C 64 11.70 -8.89 -5.30
CA GLU C 64 10.34 -9.39 -5.46
C GLU C 64 10.24 -10.73 -6.17
N GLU C 65 11.24 -11.10 -6.95
CA GLU C 65 11.19 -12.37 -7.62
C GLU C 65 11.49 -13.51 -6.66
N GLY C 66 12.04 -13.22 -5.48
CA GLY C 66 12.19 -14.22 -4.45
C GLY C 66 11.18 -13.99 -3.34
N THR C 67 11.32 -14.71 -2.25
CA THR C 67 10.41 -14.63 -1.10
C THR C 67 11.15 -14.66 0.23
N ILE C 68 10.71 -13.80 1.15
CA ILE C 68 11.23 -13.75 2.49
C ILE C 68 10.11 -14.12 3.44
N ILE C 69 10.41 -15.03 4.35
CA ILE C 69 9.47 -15.44 5.39
C ILE C 69 10.08 -15.17 6.76
N MSE C 70 9.26 -14.86 7.75
CA MSE C 70 9.72 -14.75 9.14
C MSE C 70 8.65 -15.23 10.08
O MSE C 70 7.46 -15.03 9.82
CB MSE C 70 10.06 -13.31 9.48
CG MSE C 70 11.28 -12.83 8.80
SE MSE C 70 11.90 -11.06 9.43
CE MSE C 70 12.77 -10.54 7.76
N PRO C 71 9.05 -15.87 11.20
CA PRO C 71 7.99 -16.30 12.12
C PRO C 71 7.45 -15.10 12.89
N THR C 72 6.13 -15.08 13.11
CA THR C 72 5.46 -13.97 13.79
C THR C 72 4.60 -14.53 14.91
N GLN C 73 5.22 -15.36 15.73
CA GLN C 73 4.49 -16.02 16.82
C GLN C 73 4.00 -15.02 17.87
N SER C 74 2.84 -15.32 18.43
CA SER C 74 2.16 -14.45 19.40
C SER C 74 1.62 -15.28 20.59
N SER C 75 2.55 -15.84 21.37
CA SER C 75 2.17 -16.75 22.48
C SER C 75 1.52 -16.06 23.70
N ASP C 76 1.49 -14.74 23.71
CA ASP C 76 0.70 -14.00 24.71
C ASP C 76 -0.81 -14.29 24.62
N LEU C 77 -1.25 -14.79 23.47
CA LEU C 77 -2.64 -15.14 23.28
C LEU C 77 -2.99 -16.56 23.78
N SER C 78 -2.04 -17.28 24.34
CA SER C 78 -2.26 -18.70 24.70
C SER C 78 -2.99 -18.90 26.05
N ASP C 79 -3.40 -20.14 26.34
CA ASP C 79 -4.11 -20.44 27.59
C ASP C 79 -3.23 -20.13 28.83
N PRO C 80 -3.72 -19.29 29.74
CA PRO C 80 -2.82 -18.88 30.84
C PRO C 80 -2.49 -19.98 31.87
N LYS C 81 -3.24 -21.08 31.84
CA LYS C 81 -2.99 -22.24 32.69
C LYS C 81 -1.54 -22.74 32.60
N HIS C 82 -0.96 -22.70 31.40
CA HIS C 82 0.37 -23.24 31.19
C HIS C 82 1.43 -22.17 31.10
N TRP C 83 1.10 -20.93 31.43
CA TRP C 83 2.14 -19.90 31.38
C TRP C 83 3.16 -20.07 32.47
N SER C 84 4.41 -19.74 32.14
CA SER C 84 5.50 -19.68 33.12
C SER C 84 6.47 -18.49 32.93
N ARG C 85 6.14 -17.51 32.08
CA ARG C 85 7.10 -16.47 31.72
C ARG C 85 6.39 -15.14 31.56
N PRO C 86 5.75 -14.65 32.61
CA PRO C 86 5.59 -15.25 33.92
C PRO C 86 4.27 -15.99 34.04
N PRO C 87 4.14 -16.86 35.04
CA PRO C 87 2.83 -17.35 35.38
C PRO C 87 2.03 -16.23 36.03
N VAL C 88 0.73 -16.37 36.02
CA VAL C 88 -0.17 -15.42 36.68
C VAL C 88 -1.14 -16.16 37.61
N PRO C 89 -1.65 -15.49 38.66
CA PRO C 89 -2.62 -16.07 39.58
C PRO C 89 -3.76 -16.85 38.91
N GLU C 90 -4.06 -18.01 39.47
CA GLU C 90 -5.12 -18.86 38.95
C GLU C 90 -6.46 -18.13 38.82
N GLU C 91 -6.76 -17.27 39.78
CA GLU C 91 -7.97 -16.45 39.75
C GLU C 91 -8.12 -15.58 38.49
N TRP C 92 -7.03 -15.35 37.80
CA TRP C 92 -7.05 -14.55 36.58
C TRP C 92 -7.36 -15.37 35.32
N TRP C 93 -7.22 -16.70 35.35
CA TRP C 93 -7.20 -17.48 34.10
C TRP C 93 -8.48 -17.36 33.25
N GLN C 94 -9.64 -17.37 33.91
CA GLN C 94 -10.91 -17.33 33.17
C GLN C 94 -11.19 -15.92 32.68
N ILE C 95 -10.89 -14.92 33.52
CA ILE C 95 -10.97 -13.51 33.08
C ILE C 95 -10.17 -13.35 31.79
N ILE C 96 -8.98 -13.95 31.76
CA ILE C 96 -8.08 -13.82 30.60
C ILE C 96 -8.72 -14.47 29.37
N ARG C 97 -9.18 -15.71 29.53
CA ARG C 97 -9.87 -16.42 28.45
C ARG C 97 -11.09 -15.67 27.96
N ASP C 98 -11.80 -14.99 28.86
CA ASP C 98 -12.99 -14.25 28.47
C ASP C 98 -12.69 -12.86 27.86
N ASN C 99 -11.47 -12.32 28.11
CA ASN C 99 -11.19 -10.90 27.76
C ASN C 99 -10.06 -10.58 26.81
N VAL C 100 -9.10 -11.48 26.67
CA VAL C 100 -7.93 -11.22 25.85
C VAL C 100 -8.38 -10.99 24.39
N PRO C 101 -7.95 -9.87 23.79
CA PRO C 101 -8.40 -9.61 22.44
C PRO C 101 -7.97 -10.67 21.42
N ALA C 102 -8.91 -10.97 20.51
CA ALA C 102 -8.75 -11.97 19.47
C ALA C 102 -7.54 -11.66 18.58
N PHE C 103 -6.87 -12.70 18.08
CA PHE C 103 -5.83 -12.54 17.07
C PHE C 103 -6.36 -11.80 15.84
N GLU C 104 -5.61 -10.80 15.39
CA GLU C 104 -5.87 -10.12 14.11
C GLU C 104 -4.52 -9.90 13.41
N PRO C 105 -4.32 -10.55 12.25
CA PRO C 105 -2.98 -10.61 11.65
C PRO C 105 -2.37 -9.24 11.45
N HIS C 106 -3.20 -8.27 11.12
CA HIS C 106 -2.74 -6.94 10.84
C HIS C 106 -2.38 -6.15 12.11
N ILE C 107 -2.72 -6.64 13.32
CA ILE C 107 -2.60 -5.89 14.60
C ILE C 107 -1.73 -6.59 15.67
N THR C 108 -1.98 -7.87 15.87
CA THR C 108 -1.40 -8.59 17.01
C THR C 108 0.14 -8.58 17.02
N PRO C 109 0.76 -7.93 18.03
CA PRO C 109 2.22 -8.00 18.11
C PRO C 109 2.76 -9.41 18.34
N THR C 110 4.03 -9.59 17.99
CA THR C 110 4.70 -10.85 18.21
C THR C 110 5.36 -10.83 19.59
N ARG C 111 5.76 -12.01 20.05
CA ARG C 111 6.48 -12.14 21.31
C ARG C 111 7.75 -12.96 21.04
N ALA C 112 8.87 -12.45 21.50
CA ALA C 112 10.16 -13.15 21.35
C ALA C 112 10.66 -13.37 19.91
N MSE C 113 10.17 -12.58 18.94
CA MSE C 113 10.61 -12.71 17.55
C MSE C 113 11.71 -11.73 17.16
O MSE C 113 12.56 -12.06 16.32
CB MSE C 113 9.44 -12.56 16.58
CG MSE C 113 8.36 -13.59 16.71
SE MSE C 113 8.90 -15.45 16.41
CE MSE C 113 9.09 -16.05 18.33
N GLY C 114 11.69 -10.55 17.76
CA GLY C 114 12.72 -9.53 17.53
C GLY C 114 12.23 -8.35 16.72
N LYS C 115 12.97 -7.25 16.84
CA LYS C 115 12.65 -5.98 16.20
C LYS C 115 12.61 -6.11 14.65
N VAL C 116 13.44 -6.98 14.11
CA VAL C 116 13.45 -7.13 12.67
C VAL C 116 12.09 -7.68 12.21
N VAL C 117 11.56 -8.66 12.94
CA VAL C 117 10.23 -9.22 12.64
C VAL C 117 9.13 -8.18 12.84
N GLU C 118 9.21 -7.41 13.91
CA GLU C 118 8.23 -6.36 14.16
C GLU C 118 8.22 -5.33 13.04
N CYS C 119 9.40 -4.96 12.54
CA CYS C 119 9.47 -4.08 11.35
C CYS C 119 8.88 -4.78 10.11
N PHE C 120 9.32 -6.00 9.86
CA PHE C 120 8.92 -6.74 8.65
C PHE C 120 7.37 -6.87 8.56
N ARG C 121 6.76 -7.28 9.65
CA ARG C 121 5.36 -7.70 9.61
C ARG C 121 4.41 -6.58 9.25
N THR C 122 4.79 -5.34 9.54
CA THR C 122 3.93 -4.18 9.22
C THR C 122 4.43 -3.42 8.00
N TYR C 123 5.48 -3.94 7.35
CA TYR C 123 5.97 -3.36 6.11
C TYR C 123 4.97 -3.51 4.95
N PRO C 124 4.83 -2.48 4.11
CA PRO C 124 3.84 -2.57 3.04
C PRO C 124 4.07 -3.76 2.12
N ASN C 125 2.99 -4.47 1.83
CA ASN C 125 2.96 -5.64 0.94
C ASN C 125 3.44 -6.93 1.57
N VAL C 126 3.70 -6.92 2.88
CA VAL C 126 3.99 -8.12 3.61
C VAL C 126 2.69 -8.71 4.09
N VAL C 127 2.49 -10.01 3.95
CA VAL C 127 1.25 -10.64 4.35
C VAL C 127 1.52 -11.63 5.48
N ARG C 128 0.53 -11.88 6.33
CA ARG C 128 0.71 -12.74 7.48
C ARG C 128 -0.38 -13.80 7.51
N SER C 129 -0.01 -15.02 7.93
CA SER C 129 -0.95 -16.13 8.02
C SER C 129 -1.87 -15.90 9.20
N ASN C 130 -2.92 -16.69 9.27
CA ASN C 130 -4.02 -16.42 10.17
C ASN C 130 -3.97 -17.20 11.49
N HIS C 131 -2.86 -17.82 11.84
CA HIS C 131 -2.79 -18.62 13.08
C HIS C 131 -2.59 -17.72 14.32
N PRO C 132 -3.40 -17.94 15.37
CA PRO C 132 -3.36 -16.98 16.49
C PRO C 132 -2.18 -17.12 17.43
N LEU C 133 -1.36 -18.16 17.25
CA LEU C 133 -0.16 -18.39 18.05
C LEU C 133 1.12 -18.60 17.24
N GLY C 134 1.02 -19.30 16.10
CA GLY C 134 2.18 -19.73 15.31
C GLY C 134 2.18 -19.20 13.88
N SER C 135 1.75 -17.94 13.69
CA SER C 135 1.68 -17.36 12.34
C SER C 135 3.09 -17.09 11.81
N PHE C 136 3.16 -16.89 10.50
CA PHE C 136 4.36 -16.44 9.79
C PHE C 136 3.96 -15.28 8.91
N ALA C 137 4.92 -14.41 8.62
CA ALA C 137 4.74 -13.33 7.68
C ALA C 137 5.66 -13.56 6.45
N ALA C 138 5.26 -13.05 5.30
CA ALA C 138 6.05 -13.27 4.08
C ALA C 138 5.91 -12.12 3.09
N TRP C 139 6.89 -12.01 2.19
CA TRP C 139 6.98 -10.94 1.22
C TRP C 139 7.57 -11.50 -0.05
N GLY C 140 7.03 -11.12 -1.20
CA GLY C 140 7.61 -11.51 -2.49
C GLY C 140 6.76 -12.50 -3.27
N ARG C 141 7.40 -13.19 -4.20
CA ARG C 141 6.72 -14.03 -5.19
C ARG C 141 5.70 -15.05 -4.63
N HIS C 142 6.08 -15.79 -3.60
CA HIS C 142 5.26 -16.89 -3.07
C HIS C 142 4.65 -16.56 -1.71
N ALA C 143 4.63 -15.27 -1.34
CA ALA C 143 4.21 -14.84 -0.01
C ALA C 143 2.78 -15.28 0.28
N GLU C 144 1.92 -15.15 -0.73
CA GLU C 144 0.51 -15.50 -0.57
C GLU C 144 0.32 -17.01 -0.49
N GLU C 145 0.95 -17.76 -1.40
CA GLU C 145 0.85 -19.23 -1.37
C GLU C 145 1.36 -19.78 -0.05
N ILE C 146 2.48 -19.25 0.44
CA ILE C 146 3.10 -19.69 1.68
C ILE C 146 2.19 -19.43 2.92
N THR C 147 1.55 -18.27 2.97
CA THR C 147 0.83 -17.84 4.18
C THR C 147 -0.65 -18.22 4.26
N VAL C 148 -1.28 -18.52 3.13
CA VAL C 148 -2.73 -18.74 3.16
C VAL C 148 -3.08 -20.15 3.61
N ASN C 149 -4.22 -20.28 4.29
CA ASN C 149 -4.73 -21.59 4.72
C ASN C 149 -3.83 -22.34 5.68
N GLN C 150 -3.19 -21.63 6.60
CA GLN C 150 -2.49 -22.32 7.68
C GLN C 150 -3.55 -23.05 8.55
N SER C 151 -3.34 -24.31 8.93
CA SER C 151 -4.32 -25.02 9.76
C SER C 151 -4.23 -24.53 11.19
N LEU C 152 -5.35 -24.58 11.92
CA LEU C 152 -5.33 -24.25 13.34
C LEU C 152 -4.55 -25.34 14.08
N SER C 153 -4.95 -26.61 13.93
CA SER C 153 -4.19 -27.73 14.51
C SER C 153 -2.83 -27.94 13.84
N MSE C 154 -1.84 -28.39 14.60
CA MSE C 154 -0.50 -28.69 14.05
C MSE C 154 0.10 -27.47 13.30
O MSE C 154 0.35 -27.49 12.08
CB MSE C 154 -0.53 -29.95 13.17
CG MSE C 154 -1.16 -31.19 13.83
SE MSE C 154 -0.47 -31.63 15.63
CE MSE C 154 1.37 -32.07 15.05
N SER C 155 0.32 -26.43 14.06
CA SER C 155 0.77 -25.13 13.57
C SER C 155 2.12 -25.14 12.78
N LEU C 156 3.00 -26.09 13.07
CA LEU C 156 4.26 -26.20 12.35
C LEU C 156 4.28 -27.48 11.49
N GLY C 157 3.09 -27.95 11.10
CA GLY C 157 2.89 -29.25 10.46
C GLY C 157 2.76 -29.20 8.94
N GLU C 158 2.14 -30.24 8.37
CA GLU C 158 2.07 -30.41 6.92
C GLU C 158 1.21 -29.36 6.20
N GLU C 159 0.34 -28.67 6.94
CA GLU C 159 -0.50 -27.61 6.36
C GLU C 159 -0.04 -26.23 6.85
N SER C 160 1.27 -26.10 7.06
CA SER C 160 1.87 -24.87 7.53
C SER C 160 2.79 -24.28 6.47
N PRO C 161 3.13 -23.01 6.66
CA PRO C 161 4.19 -22.35 5.92
C PRO C 161 5.50 -23.15 5.81
N LEU C 162 5.89 -23.86 6.87
CA LEU C 162 7.12 -24.65 6.84
C LEU C 162 7.07 -25.73 5.78
N ARG C 163 5.92 -26.35 5.57
CA ARG C 163 5.81 -27.37 4.52
C ARG C 163 5.89 -26.70 3.14
N LYS C 164 5.41 -25.46 3.04
CA LYS C 164 5.38 -24.81 1.76
C LYS C 164 6.80 -24.39 1.35
N ILE C 165 7.57 -23.88 2.30
CA ILE C 165 8.99 -23.57 2.08
C ILE C 165 9.75 -24.83 1.67
N TYR C 166 9.43 -25.93 2.33
CA TYR C 166 10.04 -27.22 2.05
C TYR C 166 9.78 -27.61 0.58
N ASP C 167 8.54 -27.49 0.13
CA ASP C 167 8.20 -27.89 -1.24
C ASP C 167 8.89 -27.00 -2.25
N LEU C 168 9.08 -25.74 -1.87
CA LEU C 168 9.80 -24.78 -2.70
C LEU C 168 11.34 -24.90 -2.63
N ASP C 169 11.85 -25.88 -1.88
CA ASP C 169 13.30 -26.09 -1.67
C ASP C 169 14.00 -24.81 -1.18
N GLY C 170 13.36 -24.13 -0.23
CA GLY C 170 13.90 -22.89 0.32
C GLY C 170 15.10 -23.02 1.25
N TYR C 171 15.53 -21.85 1.75
CA TYR C 171 16.71 -21.71 2.61
C TYR C 171 16.33 -21.19 3.98
N ILE C 172 17.26 -21.32 4.91
CA ILE C 172 17.11 -20.76 6.26
C ILE C 172 18.33 -19.92 6.50
N LEU C 173 18.11 -18.66 6.86
CA LEU C 173 19.16 -17.74 7.32
C LEU C 173 19.03 -17.45 8.80
N LEU C 174 20.09 -17.76 9.54
CA LEU C 174 20.18 -17.43 10.95
C LEU C 174 21.17 -16.28 11.10
N ILE C 175 20.69 -15.16 11.64
CA ILE C 175 21.51 -13.97 11.82
C ILE C 175 21.78 -13.78 13.31
N GLY C 176 22.98 -14.14 13.77
CA GLY C 176 23.36 -13.97 15.17
C GLY C 176 22.56 -14.80 16.16
N VAL C 177 21.90 -15.84 15.68
CA VAL C 177 21.12 -16.73 16.53
C VAL C 177 21.56 -18.16 16.19
N GLY C 178 21.24 -19.09 17.08
CA GLY C 178 21.59 -20.51 16.89
C GLY C 178 20.36 -21.32 16.49
N TYR C 179 20.53 -22.64 16.48
CA TYR C 179 19.46 -23.55 16.06
C TYR C 179 18.25 -23.64 16.97
N ASP C 180 18.36 -23.18 18.21
CA ASP C 180 17.21 -23.10 19.08
C ASP C 180 16.15 -22.11 18.55
N SER C 181 16.54 -21.21 17.64
CA SER C 181 15.60 -20.30 16.97
C SER C 181 15.17 -20.80 15.59
N ASN C 182 15.63 -21.96 15.16
CA ASN C 182 15.41 -22.49 13.81
C ASN C 182 14.06 -23.22 13.73
N THR C 183 13.02 -22.44 13.44
CA THR C 183 11.62 -22.83 13.55
C THR C 183 11.32 -24.06 12.69
N SER C 184 11.96 -24.15 11.51
CA SER C 184 11.73 -25.26 10.57
C SER C 184 11.96 -26.65 11.18
N VAL C 185 12.84 -26.76 12.14
CA VAL C 185 13.08 -28.06 12.78
C VAL C 185 11.83 -28.61 13.49
N GLY C 186 10.91 -27.74 13.90
CA GLY C 186 9.56 -28.17 14.34
C GLY C 186 8.82 -29.09 13.35
N LEU C 187 9.01 -28.89 12.05
CA LEU C 187 8.46 -29.79 11.04
C LEU C 187 9.02 -31.23 11.15
N SER C 188 10.31 -31.35 11.52
CA SER C 188 10.96 -32.63 11.82
C SER C 188 10.29 -33.28 13.02
N GLU C 189 10.03 -32.50 14.07
CA GLU C 189 9.32 -33.02 15.25
C GLU C 189 7.94 -33.59 14.87
N VAL C 190 7.18 -32.84 14.06
CA VAL C 190 5.90 -33.34 13.56
C VAL C 190 6.09 -34.65 12.77
N ARG C 191 7.08 -34.67 11.88
CA ARG C 191 7.31 -35.81 10.99
C ARG C 191 7.86 -37.06 11.68
N SER C 192 8.54 -36.87 12.79
CA SER C 192 9.02 -37.96 13.61
C SER C 192 8.04 -38.38 14.74
N GLY C 193 6.99 -37.60 14.97
CA GLY C 193 6.18 -37.76 16.20
C GLY C 193 7.05 -37.65 17.46
N ALA C 194 7.94 -36.65 17.48
CA ALA C 194 8.99 -36.57 18.51
C ALA C 194 8.51 -36.05 19.86
N CYS C 195 7.51 -35.17 19.85
CA CYS C 195 6.99 -34.54 21.07
C CYS C 195 5.52 -34.88 21.23
N GLU C 196 4.98 -34.55 22.40
CA GLU C 196 3.63 -34.95 22.77
C GLU C 196 2.63 -33.99 22.19
N LEU C 197 1.38 -34.46 22.07
CA LEU C 197 0.29 -33.59 21.67
C LEU C 197 -0.29 -32.96 22.92
N ILE C 198 -0.79 -31.75 22.77
CA ILE C 198 -1.45 -31.02 23.85
C ILE C 198 -2.68 -30.31 23.31
N LYS C 199 -3.67 -30.15 24.18
CA LYS C 199 -4.81 -29.30 23.89
C LYS C 199 -4.41 -27.85 24.16
N VAL C 200 -4.56 -27.00 23.17
CA VAL C 200 -4.16 -25.59 23.30
C VAL C 200 -5.40 -24.76 23.03
N GLY C 201 -5.33 -23.50 23.43
CA GLY C 201 -6.45 -22.60 23.25
C GLY C 201 -5.96 -21.23 22.85
N ALA C 202 -6.82 -20.50 22.14
CA ALA C 202 -6.54 -19.14 21.74
C ALA C 202 -7.82 -18.38 21.26
N PRO C 203 -7.81 -17.04 21.38
CA PRO C 203 -8.93 -16.21 20.95
C PRO C 203 -8.83 -15.87 19.46
N ILE C 204 -9.92 -16.12 18.73
CA ILE C 204 -9.99 -15.90 17.27
C ILE C 204 -11.27 -15.19 16.82
N ILE C 205 -11.19 -14.52 15.67
CA ILE C 205 -12.38 -13.99 15.00
C ILE C 205 -12.90 -15.09 14.08
N GLU C 206 -14.09 -15.58 14.41
CA GLU C 206 -14.69 -16.69 13.71
C GLU C 206 -16.10 -16.27 13.29
N ASN C 207 -16.32 -16.14 11.97
CA ASN C 207 -17.59 -15.65 11.41
C ASN C 207 -17.94 -14.23 11.86
N GLY C 208 -16.92 -13.40 12.07
CA GLY C 208 -17.09 -12.04 12.60
C GLY C 208 -16.97 -11.91 14.13
N GLU C 209 -17.19 -13.02 14.85
CA GLU C 209 -17.27 -13.02 16.34
C GLU C 209 -15.98 -13.49 17.06
N ARG C 210 -15.76 -12.99 18.28
CA ARG C 210 -14.67 -13.48 19.16
C ARG C 210 -15.06 -14.80 19.81
N VAL C 211 -14.19 -15.80 19.68
CA VAL C 211 -14.39 -17.13 20.24
C VAL C 211 -13.11 -17.58 20.97
N TRP C 212 -13.25 -18.20 22.13
CA TRP C 212 -12.13 -18.88 22.74
C TRP C 212 -12.12 -20.30 22.18
N LYS C 213 -11.15 -20.57 21.31
CA LYS C 213 -11.11 -21.76 20.47
C LYS C 213 -10.05 -22.71 21.00
N GLU C 214 -10.39 -23.99 21.13
CA GLU C 214 -9.42 -25.00 21.50
C GLU C 214 -9.05 -25.88 20.32
N PHE C 215 -7.82 -26.37 20.31
CA PHE C 215 -7.34 -27.21 19.22
C PHE C 215 -6.15 -28.07 19.64
N VAL C 216 -5.71 -28.95 18.76
CA VAL C 216 -4.60 -29.83 19.10
C VAL C 216 -3.35 -29.27 18.48
N ASP C 217 -2.27 -29.26 19.26
CA ASP C 217 -0.96 -28.97 18.67
C ASP C 217 0.07 -29.85 19.34
N MSE C 218 1.31 -29.76 18.86
CA MSE C 218 2.40 -30.48 19.47
C MSE C 218 3.15 -29.53 20.41
O MSE C 218 3.28 -28.31 20.16
CB MSE C 218 3.32 -31.04 18.37
CG MSE C 218 4.52 -31.76 18.86
SE MSE C 218 5.39 -32.76 17.41
CE MSE C 218 4.29 -34.39 17.42
N ASP C 219 3.64 -30.10 21.49
CA ASP C 219 4.41 -29.36 22.48
C ASP C 219 5.85 -29.21 21.96
N TYR C 220 6.07 -28.25 21.05
CA TYR C 220 7.36 -28.13 20.35
C TYR C 220 8.47 -27.80 21.36
N ASP C 221 9.54 -28.58 21.33
CA ASP C 221 10.64 -28.48 22.27
C ASP C 221 11.89 -28.14 21.50
N SER C 222 12.38 -26.92 21.64
CA SER C 222 13.58 -26.52 20.91
C SER C 222 14.90 -26.91 21.59
N ASP C 223 14.84 -27.59 22.73
CA ASP C 223 16.08 -27.86 23.49
C ASP C 223 16.97 -28.95 22.90
N LYS C 224 16.47 -29.73 21.94
CA LYS C 224 17.34 -30.65 21.22
C LYS C 224 17.93 -30.02 19.95
N PHE C 225 17.35 -28.91 19.47
CA PHE C 225 17.74 -28.30 18.19
C PHE C 225 19.23 -27.93 18.10
N VAL C 226 19.81 -27.45 19.19
CA VAL C 226 21.23 -27.11 19.19
C VAL C 226 22.08 -28.35 18.95
N GLU C 227 21.74 -29.45 19.62
CA GLU C 227 22.48 -30.70 19.43
C GLU C 227 22.34 -31.20 18.00
N ILE C 228 21.10 -31.23 17.51
CA ILE C 228 20.83 -31.64 16.14
C ILE C 228 21.67 -30.80 15.16
N GLY C 229 21.72 -29.50 15.39
CA GLY C 229 22.51 -28.61 14.55
C GLY C 229 24.01 -28.87 14.61
N VAL C 230 24.52 -29.20 15.80
CA VAL C 230 25.93 -29.57 15.93
C VAL C 230 26.25 -30.79 15.06
N GLU C 231 25.39 -31.79 15.14
CA GLU C 231 25.57 -33.00 14.34
C GLU C 231 25.41 -32.71 12.85
N PHE C 232 24.42 -31.88 12.51
CA PHE C 232 24.08 -31.62 11.11
C PHE C 232 25.25 -30.99 10.37
N GLU C 233 25.95 -30.08 11.05
CA GLU C 233 27.06 -29.34 10.44
C GLU C 233 28.33 -30.18 10.21
N GLN C 234 28.48 -31.31 10.89
CA GLN C 234 29.60 -32.23 10.62
C GLN C 234 29.62 -32.70 9.15
N LYS C 235 28.49 -33.17 8.66
CA LYS C 235 28.36 -33.63 7.28
C LYS C 235 27.77 -32.53 6.39
N GLY C 236 26.58 -32.10 6.78
CA GLY C 236 25.74 -31.15 6.01
C GLY C 236 26.36 -29.87 5.49
N THR C 237 25.62 -29.22 4.58
CA THR C 237 26.16 -28.08 3.83
C THR C 237 25.61 -26.76 4.37
N VAL C 238 26.25 -26.21 5.39
CA VAL C 238 25.85 -24.92 5.94
C VAL C 238 26.91 -23.89 5.62
N THR C 239 26.55 -22.81 4.94
CA THR C 239 27.50 -21.75 4.73
C THR C 239 27.50 -20.78 5.88
N MSE C 240 28.68 -20.35 6.28
CA MSE C 240 28.83 -19.50 7.43
C MSE C 240 29.58 -18.26 7.08
O MSE C 240 30.46 -18.26 6.23
CB MSE C 240 29.51 -20.25 8.55
CG MSE C 240 28.62 -21.40 8.97
SE MSE C 240 29.36 -22.32 10.44
CE MSE C 240 30.03 -20.81 11.51
N GLY C 241 29.20 -17.18 7.72
CA GLY C 241 29.78 -15.87 7.43
C GLY C 241 29.24 -14.86 8.41
N LYS C 242 29.66 -13.62 8.27
CA LYS C 242 29.22 -12.61 9.20
C LYS C 242 28.45 -11.51 8.50
N ILE C 243 27.45 -11.00 9.21
CA ILE C 243 26.78 -9.73 8.87
C ILE C 243 27.18 -8.75 9.97
N GLY C 244 28.11 -7.85 9.64
CA GLY C 244 28.81 -7.08 10.65
C GLY C 244 29.51 -7.97 11.67
N ASN C 245 29.10 -7.85 12.93
CA ASN C 245 29.62 -8.72 13.99
C ASN C 245 28.87 -10.04 14.14
N ALA C 246 27.72 -10.17 13.50
CA ALA C 246 26.86 -11.33 13.73
C ALA C 246 27.34 -12.58 13.00
N LYS C 247 27.40 -13.69 13.74
CA LYS C 247 27.70 -14.99 13.21
C LYS C 247 26.42 -15.57 12.56
N CYS C 248 26.48 -15.79 11.26
CA CYS C 248 25.33 -16.22 10.49
C CYS C 248 25.54 -17.58 9.84
N ARG C 249 24.43 -18.22 9.49
CA ARG C 249 24.38 -19.54 8.88
C ARG C 249 23.31 -19.50 7.78
N LEU C 250 23.65 -20.02 6.62
CA LEU C 250 22.69 -20.21 5.55
C LEU C 250 22.71 -21.69 5.17
N MSE C 251 21.53 -22.29 5.08
CA MSE C 251 21.39 -23.71 4.76
C MSE C 251 20.08 -23.99 4.00
O MSE C 251 19.18 -23.16 4.00
CB MSE C 251 21.37 -24.54 6.07
CG MSE C 251 20.12 -24.35 6.87
SE MSE C 251 20.28 -24.84 8.78
CE MSE C 251 21.25 -23.24 9.36
N LYS C 252 20.00 -25.15 3.37
CA LYS C 252 18.75 -25.57 2.71
C LYS C 252 17.78 -26.11 3.75
N GLN C 253 16.53 -25.65 3.65
CA GLN C 253 15.56 -26.11 4.58
C GLN C 253 15.31 -27.62 4.47
N ARG C 254 15.31 -28.17 3.26
CA ARG C 254 15.11 -29.63 3.13
C ARG C 254 16.19 -30.44 3.83
N ASP C 255 17.43 -29.97 3.72
CA ASP C 255 18.57 -30.65 4.32
C ASP C 255 18.43 -30.77 5.83
N ILE C 256 18.11 -29.67 6.53
CA ILE C 256 18.06 -29.70 8.00
C ILE C 256 16.81 -30.44 8.48
N VAL C 257 15.70 -30.28 7.74
CA VAL C 257 14.43 -30.86 8.13
C VAL C 257 14.49 -32.39 7.98
N ASP C 258 15.08 -32.85 6.88
CA ASP C 258 15.28 -34.29 6.65
C ASP C 258 16.27 -34.87 7.64
N PHE C 259 17.30 -34.09 7.98
CA PHE C 259 18.30 -34.57 8.93
C PHE C 259 17.62 -34.72 10.29
N GLY C 260 16.82 -33.72 10.64
CA GLY C 260 16.19 -33.63 11.95
C GLY C 260 15.19 -34.74 12.15
N THR C 261 14.48 -35.07 11.08
CA THR C 261 13.49 -36.12 11.10
C THR C 261 14.16 -37.44 11.42
N GLU C 262 15.28 -37.69 10.75
CA GLU C 262 16.01 -38.94 10.92
C GLU C 262 16.61 -39.03 12.31
N TRP C 263 17.17 -37.93 12.77
CA TRP C 263 17.69 -37.78 14.14
C TRP C 263 16.64 -38.17 15.20
N PHE C 264 15.45 -37.59 15.11
CA PHE C 264 14.35 -37.92 16.06
C PHE C 264 13.84 -39.36 16.01
N ARG C 265 13.87 -39.99 14.83
CA ARG C 265 13.51 -41.41 14.75
C ARG C 265 14.60 -42.31 15.34
N LYS C 266 15.64 -41.69 15.88
CA LYS C 266 16.79 -42.37 16.50
C LYS C 266 17.63 -43.06 15.42
N SER D 1 -1.96 1.68 4.30
CA SER D 1 -1.22 2.01 3.04
C SER D 1 -2.15 1.82 1.84
N ASN D 2 -1.56 1.68 0.64
CA ASN D 2 -2.31 1.26 -0.54
C ASN D 2 -2.29 -0.26 -0.83
N ALA D 3 -1.53 -1.02 -0.03
CA ALA D 3 -1.53 -2.48 -0.11
C ALA D 3 -2.94 -3.01 0.09
N MSE D 4 -3.32 -4.00 -0.72
CA MSE D 4 -4.69 -4.53 -0.70
C MSE D 4 -5.04 -5.18 0.65
O MSE D 4 -6.14 -4.99 1.15
CB MSE D 4 -4.92 -5.49 -1.87
CG MSE D 4 -5.00 -4.82 -3.26
SE MSE D 4 -6.38 -3.38 -3.33
CE MSE D 4 -8.00 -4.47 -3.33
N ASN D 5 -4.11 -5.95 1.25
CA ASN D 5 -4.39 -6.51 2.57
C ASN D 5 -4.76 -5.44 3.61
N ASP D 6 -4.08 -4.28 3.57
CA ASP D 6 -4.41 -3.14 4.45
C ASP D 6 -5.79 -2.55 4.10
N ILE D 7 -6.13 -2.49 2.84
CA ILE D 7 -7.46 -1.95 2.46
C ILE D 7 -8.59 -2.88 2.92
N VAL D 8 -8.37 -4.18 2.81
CA VAL D 8 -9.35 -5.14 3.35
C VAL D 8 -9.50 -5.03 4.89
N ALA D 9 -8.38 -4.94 5.61
CA ALA D 9 -8.43 -4.84 7.07
C ALA D 9 -9.01 -3.52 7.60
N SER D 10 -9.03 -2.49 6.76
CA SER D 10 -9.66 -1.20 7.11
C SER D 10 -11.20 -1.21 7.07
N THR D 11 -11.77 -2.31 6.60
CA THR D 11 -13.17 -2.40 6.22
C THR D 11 -13.87 -3.48 7.05
N GLN D 12 -15.02 -3.15 7.66
CA GLN D 12 -15.79 -4.14 8.39
C GLN D 12 -16.60 -5.05 7.44
N LEU D 13 -17.40 -4.45 6.56
CA LEU D 13 -18.11 -5.19 5.50
C LEU D 13 -17.88 -4.52 4.15
N PRO D 14 -18.10 -5.25 3.06
CA PRO D 14 -17.73 -4.62 1.81
C PRO D 14 -18.59 -3.41 1.45
N ASN D 15 -17.97 -2.48 0.73
CA ASN D 15 -18.68 -1.43 0.07
C ASN D 15 -19.18 -1.97 -1.28
N THR D 16 -20.41 -1.60 -1.64
CA THR D 16 -21.04 -2.05 -2.86
C THR D 16 -21.68 -0.88 -3.59
N ILE D 17 -22.17 -1.13 -4.80
CA ILE D 17 -22.92 -0.09 -5.49
C ILE D 17 -24.05 0.40 -4.55
N LYS D 18 -24.78 -0.55 -3.96
CA LYS D 18 -25.91 -0.23 -3.10
C LYS D 18 -25.49 0.58 -1.85
N THR D 19 -24.41 0.19 -1.16
CA THR D 19 -23.98 0.94 0.02
C THR D 19 -23.42 2.31 -0.34
N ILE D 20 -22.71 2.39 -1.47
CA ILE D 20 -22.15 3.66 -1.93
C ILE D 20 -23.28 4.60 -2.36
N THR D 21 -24.24 4.08 -3.13
CA THR D 21 -25.42 4.84 -3.48
C THR D 21 -26.09 5.46 -2.26
N ASN D 22 -26.33 4.63 -1.24
CA ASN D 22 -26.93 5.10 0.01
C ASN D 22 -26.10 6.18 0.71
N ASP D 23 -24.78 6.00 0.73
CA ASP D 23 -23.91 7.01 1.38
C ASP D 23 -23.97 8.36 0.66
N LEU D 24 -23.97 8.31 -0.67
CA LEU D 24 -24.05 9.49 -1.50
C LEU D 24 -25.39 10.25 -1.27
N ARG D 25 -26.51 9.53 -1.18
CA ARG D 25 -27.79 10.17 -0.89
C ARG D 25 -27.81 10.78 0.51
N LYS D 26 -27.28 10.05 1.51
CA LYS D 26 -27.11 10.55 2.90
C LYS D 26 -26.31 11.86 2.96
N LEU D 27 -25.27 11.96 2.14
CA LEU D 27 -24.44 13.16 2.03
C LEU D 27 -25.18 14.37 1.41
N GLY D 28 -26.14 14.09 0.54
CA GLY D 28 -26.88 15.15 -0.12
C GLY D 28 -26.92 15.12 -1.65
N LEU D 29 -26.29 14.10 -2.27
CA LEU D 29 -26.36 13.96 -3.72
C LEU D 29 -27.81 13.63 -4.15
N LYS D 30 -28.26 14.31 -5.19
CA LYS D 30 -29.62 14.18 -5.69
C LYS D 30 -29.71 14.01 -7.20
N LYS D 31 -30.74 13.29 -7.61
CA LYS D 31 -31.17 13.26 -9.02
C LYS D 31 -31.20 14.65 -9.65
N GLY D 32 -30.58 14.79 -10.81
CA GLY D 32 -30.64 16.02 -11.59
C GLY D 32 -29.53 17.01 -11.32
N MSE D 33 -28.73 16.76 -10.28
CA MSE D 33 -27.72 17.75 -9.95
C MSE D 33 -26.52 17.68 -10.91
O MSE D 33 -26.30 16.66 -11.57
CB MSE D 33 -27.34 17.75 -8.45
CG MSE D 33 -26.44 16.70 -7.91
SE MSE D 33 -25.84 17.19 -6.04
CE MSE D 33 -27.47 17.84 -5.30
N THR D 34 -25.84 18.81 -11.02
CA THR D 34 -24.62 18.93 -11.76
C THR D 34 -23.51 18.83 -10.73
N VAL D 35 -22.61 17.88 -10.89
CA VAL D 35 -21.58 17.71 -9.89
C VAL D 35 -20.23 17.34 -10.51
N ILE D 36 -19.18 18.07 -10.14
CA ILE D 36 -17.81 17.67 -10.44
C ILE D 36 -17.26 16.86 -9.27
N VAL D 37 -16.66 15.70 -9.59
CA VAL D 37 -16.25 14.72 -8.58
C VAL D 37 -14.73 14.53 -8.61
N HIS D 38 -14.14 14.51 -7.41
CA HIS D 38 -12.72 14.23 -7.21
C HIS D 38 -12.64 13.11 -6.20
N SER D 39 -11.79 12.12 -6.45
CA SER D 39 -11.80 10.93 -5.62
C SER D 39 -10.46 10.19 -5.42
N SER D 40 -10.42 9.50 -4.27
CA SER D 40 -9.45 8.43 -3.98
C SER D 40 -10.23 7.12 -3.72
N LEU D 41 -9.96 6.09 -4.52
CA LEU D 41 -10.63 4.79 -4.38
C LEU D 41 -10.24 4.12 -3.06
N SER D 42 -8.96 4.14 -2.75
CA SER D 42 -8.46 3.47 -1.55
C SER D 42 -9.07 4.05 -0.27
N SER D 43 -9.28 5.39 -0.25
CA SER D 43 -9.85 6.07 0.92
C SER D 43 -11.20 5.49 1.41
N ILE D 44 -11.99 4.97 0.48
CA ILE D 44 -13.30 4.41 0.80
C ILE D 44 -13.23 3.09 1.64
N GLY D 45 -12.16 2.31 1.46
CA GLY D 45 -12.13 0.94 1.98
C GLY D 45 -12.46 -0.04 0.86
N TRP D 46 -12.37 -1.35 1.12
CA TRP D 46 -12.56 -2.36 0.08
C TRP D 46 -13.97 -2.29 -0.58
N ILE D 47 -13.99 -2.22 -1.91
CA ILE D 47 -15.21 -2.09 -2.70
C ILE D 47 -15.37 -3.30 -3.63
N SER D 48 -16.52 -3.93 -3.58
CA SER D 48 -16.84 -5.02 -4.51
C SER D 48 -17.14 -4.42 -5.88
N GLY D 49 -16.21 -4.55 -6.80
CA GLY D 49 -16.31 -3.90 -8.10
C GLY D 49 -15.42 -2.70 -8.28
N GLY D 50 -14.68 -2.33 -7.25
CA GLY D 50 -13.80 -1.18 -7.33
C GLY D 50 -14.36 0.07 -7.98
N ALA D 51 -13.56 0.63 -8.88
CA ALA D 51 -13.89 1.89 -9.56
C ALA D 51 -15.23 1.77 -10.31
N VAL D 52 -15.53 0.60 -10.89
CA VAL D 52 -16.82 0.46 -11.62
C VAL D 52 -18.01 0.69 -10.68
N ALA D 53 -17.90 0.16 -9.45
CA ALA D 53 -18.95 0.35 -8.45
C ALA D 53 -19.15 1.82 -8.10
N VAL D 54 -18.06 2.56 -7.92
CA VAL D 54 -18.19 4.00 -7.64
C VAL D 54 -18.87 4.75 -8.79
N VAL D 55 -18.42 4.53 -10.04
CA VAL D 55 -19.06 5.19 -11.17
C VAL D 55 -20.55 4.82 -11.31
N GLU D 56 -20.89 3.55 -11.15
CA GLU D 56 -22.27 3.13 -11.25
C GLU D 56 -23.10 3.76 -10.15
N ALA D 57 -22.52 3.89 -8.95
CA ALA D 57 -23.25 4.44 -7.82
C ALA D 57 -23.59 5.89 -8.12
N LEU D 58 -22.59 6.66 -8.54
CA LEU D 58 -22.79 8.08 -8.90
C LEU D 58 -23.88 8.26 -9.94
N MSE D 59 -23.83 7.42 -10.98
CA MSE D 59 -24.79 7.50 -12.10
C MSE D 59 -26.21 7.14 -11.67
O MSE D 59 -27.17 7.75 -12.12
CB MSE D 59 -24.36 6.58 -13.23
CG MSE D 59 -23.03 6.99 -13.89
SE MSE D 59 -22.57 5.74 -15.35
CE MSE D 59 -21.32 6.90 -16.38
N GLU D 60 -26.30 6.12 -10.81
CA GLU D 60 -27.57 5.73 -10.17
C GLU D 60 -28.19 6.90 -9.43
N VAL D 61 -27.39 7.61 -8.63
CA VAL D 61 -27.93 8.71 -7.84
C VAL D 61 -28.25 9.90 -8.76
N ILE D 62 -27.32 10.29 -9.64
CA ILE D 62 -27.49 11.53 -10.45
C ILE D 62 -28.46 11.34 -11.63
N THR D 63 -28.34 10.20 -12.30
CA THR D 63 -29.15 9.84 -13.48
C THR D 63 -28.82 10.70 -14.69
N GLU D 64 -29.28 10.22 -15.84
CA GLU D 64 -29.07 10.92 -17.10
C GLU D 64 -29.59 12.35 -17.10
N GLU D 65 -30.54 12.62 -16.20
CA GLU D 65 -31.15 13.92 -16.06
C GLU D 65 -30.24 14.91 -15.35
N GLY D 66 -29.26 14.42 -14.59
CA GLY D 66 -28.17 15.24 -14.03
C GLY D 66 -26.92 15.19 -14.89
N THR D 67 -25.82 15.74 -14.36
CA THR D 67 -24.53 15.71 -15.07
C THR D 67 -23.40 15.43 -14.10
N ILE D 68 -22.53 14.51 -14.50
CA ILE D 68 -21.34 14.21 -13.74
C ILE D 68 -20.15 14.69 -14.55
N ILE D 69 -19.25 15.41 -13.90
CA ILE D 69 -18.01 15.86 -14.51
C ILE D 69 -16.81 15.33 -13.69
N MSE D 70 -15.71 15.03 -14.38
CA MSE D 70 -14.44 14.77 -13.72
C MSE D 70 -13.29 15.36 -14.49
O MSE D 70 -13.30 15.34 -15.74
CB MSE D 70 -14.23 13.24 -13.59
CG MSE D 70 -15.23 12.61 -12.68
SE MSE D 70 -14.93 10.71 -12.23
CE MSE D 70 -16.74 10.24 -11.67
N PRO D 71 -12.27 15.87 -13.79
CA PRO D 71 -11.08 16.32 -14.49
C PRO D 71 -10.37 15.10 -15.12
N THR D 72 -9.87 15.27 -16.35
CA THR D 72 -9.15 14.25 -17.07
C THR D 72 -7.79 14.78 -17.55
N GLN D 73 -7.06 15.39 -16.60
CA GLN D 73 -5.76 16.01 -16.86
C GLN D 73 -4.70 14.99 -17.29
N SER D 74 -3.84 15.44 -18.20
CA SER D 74 -2.84 14.60 -18.84
C SER D 74 -1.48 15.32 -18.85
N SER D 75 -1.01 15.67 -17.67
CA SER D 75 0.27 16.39 -17.53
C SER D 75 1.55 15.66 -18.01
N ASP D 76 1.45 14.38 -18.38
CA ASP D 76 2.59 13.72 -19.06
C ASP D 76 2.83 14.30 -20.45
N LEU D 77 1.86 15.08 -20.96
CA LEU D 77 2.05 15.78 -22.22
C LEU D 77 2.72 17.15 -22.07
N SER D 78 2.98 17.62 -20.84
CA SER D 78 3.55 18.96 -20.66
C SER D 78 5.03 19.00 -21.06
N ASP D 79 5.56 20.22 -21.09
CA ASP D 79 6.96 20.45 -21.42
C ASP D 79 7.86 19.89 -20.31
N PRO D 80 8.78 18.95 -20.64
CA PRO D 80 9.62 18.31 -19.62
C PRO D 80 10.63 19.24 -18.98
N LYS D 81 10.75 20.46 -19.50
CA LYS D 81 11.59 21.48 -18.89
C LYS D 81 11.25 21.66 -17.42
N HIS D 82 9.98 21.49 -17.03
CA HIS D 82 9.54 21.78 -15.66
C HIS D 82 9.16 20.54 -14.84
N TRP D 83 9.37 19.35 -15.38
CA TRP D 83 9.01 18.15 -14.67
C TRP D 83 9.79 18.02 -13.37
N SER D 84 9.12 17.61 -12.30
CA SER D 84 9.81 17.22 -11.06
C SER D 84 9.48 15.80 -10.57
N ARG D 85 8.60 15.08 -11.28
CA ARG D 85 8.04 13.83 -10.77
C ARG D 85 8.06 12.68 -11.78
N PRO D 86 9.27 12.22 -12.17
CA PRO D 86 10.55 12.78 -11.82
C PRO D 86 11.05 13.73 -12.92
N PRO D 87 12.15 14.45 -12.65
CA PRO D 87 12.73 15.24 -13.73
C PRO D 87 13.53 14.30 -14.63
N VAL D 88 13.77 14.74 -15.85
CA VAL D 88 14.50 13.95 -16.84
C VAL D 88 15.65 14.79 -17.37
N PRO D 89 16.73 14.17 -17.87
CA PRO D 89 17.88 14.95 -18.30
C PRO D 89 17.51 15.97 -19.38
N GLU D 90 18.12 17.13 -19.29
CA GLU D 90 17.91 18.21 -20.25
C GLU D 90 18.08 17.72 -21.70
N GLU D 91 18.99 16.77 -21.89
CA GLU D 91 19.24 16.22 -23.21
C GLU D 91 18.04 15.47 -23.81
N TRP D 92 17.04 15.17 -22.99
CA TRP D 92 15.88 14.44 -23.50
C TRP D 92 14.79 15.39 -23.94
N TRP D 93 14.86 16.63 -23.49
CA TRP D 93 13.72 17.54 -23.56
C TRP D 93 13.22 17.77 -24.99
N GLN D 94 14.13 18.09 -25.92
CA GLN D 94 13.75 18.33 -27.31
C GLN D 94 13.24 17.07 -28.02
N ILE D 95 13.80 15.92 -27.65
CA ILE D 95 13.34 14.64 -28.18
C ILE D 95 11.89 14.38 -27.74
N ILE D 96 11.64 14.57 -26.45
CA ILE D 96 10.27 14.51 -25.91
C ILE D 96 9.31 15.42 -26.67
N ARG D 97 9.69 16.67 -26.90
CA ARG D 97 8.79 17.60 -27.61
C ARG D 97 8.54 17.19 -29.06
N ASP D 98 9.53 16.55 -29.66
CA ASP D 98 9.44 16.05 -31.05
C ASP D 98 8.70 14.71 -31.16
N ASN D 99 8.56 13.98 -30.05
CA ASN D 99 8.07 12.60 -30.12
C ASN D 99 6.84 12.21 -29.28
N VAL D 100 6.56 12.93 -28.19
CA VAL D 100 5.41 12.57 -27.31
C VAL D 100 4.11 12.57 -28.12
N PRO D 101 3.32 11.47 -28.05
CA PRO D 101 2.11 11.48 -28.90
C PRO D 101 1.14 12.63 -28.53
N ALA D 102 0.53 13.22 -29.56
CA ALA D 102 -0.45 14.28 -29.38
C ALA D 102 -1.69 13.87 -28.59
N PHE D 103 -2.27 14.83 -27.90
CA PHE D 103 -3.56 14.64 -27.29
C PHE D 103 -4.63 14.13 -28.29
N GLU D 104 -5.23 13.00 -27.96
CA GLU D 104 -6.40 12.49 -28.66
C GLU D 104 -7.43 12.10 -27.60
N PRO D 105 -8.59 12.78 -27.58
CA PRO D 105 -9.53 12.62 -26.47
C PRO D 105 -9.96 11.16 -26.19
N HIS D 106 -10.01 10.29 -27.21
CA HIS D 106 -10.46 8.91 -26.98
C HIS D 106 -9.34 7.96 -26.55
N ILE D 107 -8.12 8.46 -26.45
CA ILE D 107 -6.89 7.65 -26.25
C ILE D 107 -6.04 8.10 -25.07
N THR D 108 -5.76 9.40 -24.97
CA THR D 108 -4.81 9.94 -24.01
C THR D 108 -5.20 9.67 -22.57
N PRO D 109 -4.38 8.88 -21.85
CA PRO D 109 -4.75 8.59 -20.50
C PRO D 109 -4.50 9.76 -19.59
N THR D 110 -5.12 9.70 -18.43
CA THR D 110 -4.94 10.72 -17.43
C THR D 110 -3.74 10.37 -16.54
N ARG D 111 -3.25 11.37 -15.82
CA ARG D 111 -2.21 11.20 -14.84
C ARG D 111 -2.62 11.88 -13.54
N ALA D 112 -2.52 11.12 -12.45
CA ALA D 112 -2.83 11.58 -11.11
C ALA D 112 -4.30 11.98 -10.91
N MSE D 113 -5.21 11.48 -11.75
CA MSE D 113 -6.64 11.72 -11.57
C MSE D 113 -7.33 10.61 -10.77
O MSE D 113 -8.33 10.84 -10.10
CB MSE D 113 -7.34 11.89 -12.93
CG MSE D 113 -6.84 13.02 -13.77
SE MSE D 113 -7.14 14.75 -12.91
CE MSE D 113 -5.33 15.17 -12.27
N GLY D 114 -6.77 9.40 -10.81
CA GLY D 114 -7.31 8.31 -10.04
C GLY D 114 -8.07 7.29 -10.87
N LYS D 115 -8.19 6.10 -10.30
CA LYS D 115 -8.82 4.97 -10.99
C LYS D 115 -10.29 5.23 -11.32
N VAL D 116 -10.97 6.02 -10.49
CA VAL D 116 -12.39 6.30 -10.73
C VAL D 116 -12.52 7.08 -12.04
N VAL D 117 -11.61 8.03 -12.26
CA VAL D 117 -11.62 8.86 -13.47
C VAL D 117 -11.23 8.04 -14.72
N GLU D 118 -10.31 7.11 -14.56
CA GLU D 118 -9.89 6.28 -15.69
C GLU D 118 -11.01 5.33 -16.12
N CYS D 119 -11.82 4.90 -15.17
CA CYS D 119 -12.97 4.05 -15.45
C CYS D 119 -14.03 4.92 -16.12
N PHE D 120 -14.39 6.03 -15.46
CA PHE D 120 -15.40 6.98 -15.96
C PHE D 120 -15.14 7.43 -17.42
N ARG D 121 -13.89 7.82 -17.68
CA ARG D 121 -13.43 8.41 -18.93
C ARG D 121 -13.82 7.57 -20.13
N THR D 122 -13.84 6.25 -19.90
CA THR D 122 -14.11 5.27 -20.93
C THR D 122 -15.56 4.78 -21.02
N TYR D 123 -16.44 5.22 -20.12
CA TYR D 123 -17.85 4.84 -20.23
C TYR D 123 -18.44 5.35 -21.54
N PRO D 124 -19.50 4.69 -22.01
CA PRO D 124 -20.23 5.22 -23.15
C PRO D 124 -21.00 6.49 -22.82
N ASN D 125 -21.18 7.35 -23.82
CA ASN D 125 -21.87 8.62 -23.64
C ASN D 125 -21.11 9.58 -22.71
N VAL D 126 -19.84 9.30 -22.41
CA VAL D 126 -18.98 10.27 -21.77
C VAL D 126 -18.22 11.08 -22.86
N VAL D 127 -18.29 12.40 -22.77
CA VAL D 127 -17.62 13.27 -23.73
CA VAL D 127 -17.65 13.31 -23.72
C VAL D 127 -16.49 14.04 -23.04
N ARG D 128 -15.39 14.24 -23.76
CA ARG D 128 -14.20 14.86 -23.17
C ARG D 128 -13.95 16.17 -23.85
N SER D 129 -13.61 17.19 -23.08
CA SER D 129 -13.27 18.48 -23.67
C SER D 129 -11.90 18.38 -24.37
N ASN D 130 -11.62 19.40 -25.19
CA ASN D 130 -10.45 19.45 -26.04
C ASN D 130 -9.38 20.33 -25.42
N HIS D 131 -8.54 19.71 -24.61
CA HIS D 131 -7.38 20.35 -24.07
C HIS D 131 -6.32 19.33 -23.81
N PRO D 132 -5.10 19.60 -24.29
CA PRO D 132 -4.09 18.55 -24.15
C PRO D 132 -3.55 18.35 -22.74
N LEU D 133 -3.80 19.30 -21.84
CA LEU D 133 -3.28 19.20 -20.47
C LEU D 133 -4.35 19.19 -19.37
N GLY D 134 -5.42 19.97 -19.60
CA GLY D 134 -6.45 20.25 -18.59
C GLY D 134 -7.87 20.00 -19.09
N SER D 135 -8.05 18.87 -19.77
CA SER D 135 -9.36 18.43 -20.22
C SER D 135 -10.23 17.97 -19.07
N PHE D 136 -11.53 17.91 -19.33
CA PHE D 136 -12.53 17.35 -18.42
C PHE D 136 -13.40 16.31 -19.16
N ALA D 137 -14.00 15.38 -18.43
CA ALA D 137 -14.95 14.47 -19.08
C ALA D 137 -16.29 14.67 -18.40
N ALA D 138 -17.38 14.46 -19.13
CA ALA D 138 -18.72 14.66 -18.59
C ALA D 138 -19.72 13.65 -19.12
N TRP D 139 -20.73 13.38 -18.30
CA TRP D 139 -21.82 12.47 -18.64
C TRP D 139 -23.14 13.07 -18.20
N GLY D 140 -24.17 12.91 -19.03
CA GLY D 140 -25.51 13.33 -18.68
C GLY D 140 -26.01 14.59 -19.39
N ARG D 141 -27.03 15.20 -18.79
CA ARG D 141 -27.87 16.20 -19.46
C ARG D 141 -27.07 17.33 -20.09
N HIS D 142 -26.14 17.88 -19.32
CA HIS D 142 -25.37 19.05 -19.75
C HIS D 142 -23.96 18.69 -20.20
N ALA D 143 -23.70 17.41 -20.45
CA ALA D 143 -22.33 16.96 -20.76
C ALA D 143 -21.73 17.68 -21.97
N GLU D 144 -22.51 17.90 -23.01
CA GLU D 144 -21.98 18.57 -24.20
C GLU D 144 -21.79 20.09 -23.97
N GLU D 145 -22.82 20.73 -23.44
CA GLU D 145 -22.74 22.14 -23.07
C GLU D 145 -21.47 22.39 -22.23
N ILE D 146 -21.16 21.49 -21.31
CA ILE D 146 -20.03 21.76 -20.39
C ILE D 146 -18.63 21.59 -21.00
N THR D 147 -18.50 20.69 -21.95
CA THR D 147 -17.20 20.29 -22.45
C THR D 147 -16.80 20.93 -23.77
N VAL D 148 -17.75 21.56 -24.46
CA VAL D 148 -17.53 22.09 -25.80
C VAL D 148 -16.73 23.42 -25.74
N ASN D 149 -15.91 23.67 -26.77
CA ASN D 149 -15.21 24.96 -26.97
C ASN D 149 -14.29 25.41 -25.81
N GLN D 150 -13.61 24.47 -25.19
CA GLN D 150 -12.61 24.82 -24.17
C GLN D 150 -11.47 25.55 -24.85
N SER D 151 -11.05 26.68 -24.31
CA SER D 151 -9.97 27.42 -24.96
C SER D 151 -8.60 26.84 -24.57
N LEU D 152 -7.63 26.93 -25.46
CA LEU D 152 -6.29 26.42 -25.20
C LEU D 152 -5.54 27.21 -24.12
N SER D 153 -5.52 28.52 -24.26
CA SER D 153 -4.96 29.39 -23.24
C SER D 153 -5.96 29.54 -22.12
N MSE D 154 -5.46 29.79 -20.90
CA MSE D 154 -6.34 29.94 -19.73
C MSE D 154 -7.32 28.76 -19.61
O MSE D 154 -8.55 28.94 -19.52
CB MSE D 154 -7.10 31.27 -19.82
CG MSE D 154 -6.19 32.47 -20.10
SE MSE D 154 -4.73 32.70 -18.75
CE MSE D 154 -5.84 33.32 -17.29
N SER D 155 -6.74 27.57 -19.53
CA SER D 155 -7.46 26.30 -19.61
C SER D 155 -8.54 26.11 -18.56
N LEU D 156 -8.35 26.73 -17.38
CA LEU D 156 -9.32 26.66 -16.29
C LEU D 156 -10.11 27.97 -16.11
N GLY D 157 -10.24 28.75 -17.18
CA GLY D 157 -10.80 30.11 -17.13
C GLY D 157 -12.25 30.23 -17.57
N GLU D 158 -12.56 31.40 -18.13
CA GLU D 158 -13.91 31.74 -18.50
C GLU D 158 -14.44 30.93 -19.70
N GLU D 159 -13.57 30.39 -20.55
CA GLU D 159 -14.04 29.43 -21.56
C GLU D 159 -13.56 28.05 -21.24
N SER D 160 -13.94 27.58 -20.07
CA SER D 160 -13.59 26.25 -19.63
C SER D 160 -14.84 25.60 -19.05
N PRO D 161 -14.84 24.29 -18.91
CA PRO D 161 -15.92 23.61 -18.19
C PRO D 161 -16.19 24.15 -16.79
N LEU D 162 -15.18 24.71 -16.12
CA LEU D 162 -15.40 25.23 -14.75
C LEU D 162 -16.43 26.39 -14.73
N ARG D 163 -16.36 27.24 -15.74
N ARG D 163 -16.37 27.26 -15.74
CA ARG D 163 -17.25 28.37 -15.86
CA ARG D 163 -17.28 28.38 -15.84
C ARG D 163 -18.66 27.92 -16.25
C ARG D 163 -18.69 27.90 -16.22
N LYS D 164 -18.76 26.84 -17.03
CA LYS D 164 -20.04 26.26 -17.40
C LYS D 164 -20.72 25.58 -16.18
N ILE D 165 -19.93 24.98 -15.29
CA ILE D 165 -20.47 24.44 -14.03
C ILE D 165 -20.93 25.58 -13.11
N TYR D 166 -20.15 26.68 -13.13
CA TYR D 166 -20.47 27.86 -12.34
C TYR D 166 -21.79 28.44 -12.77
N ASP D 167 -21.94 28.66 -14.07
CA ASP D 167 -23.23 29.15 -14.62
C ASP D 167 -24.46 28.28 -14.24
N LEU D 168 -24.25 26.98 -14.10
CA LEU D 168 -25.29 26.00 -13.77
C LEU D 168 -25.49 25.81 -12.22
N ASP D 169 -24.81 26.63 -11.42
CA ASP D 169 -24.87 26.52 -9.95
C ASP D 169 -24.63 25.04 -9.54
N GLY D 170 -23.63 24.44 -10.13
CA GLY D 170 -23.31 23.05 -9.81
C GLY D 170 -22.58 22.82 -8.48
N TYR D 171 -22.32 21.58 -8.20
CA TYR D 171 -21.73 21.16 -6.95
C TYR D 171 -20.39 20.46 -7.15
N ILE D 172 -19.58 20.47 -6.09
CA ILE D 172 -18.28 19.84 -6.06
C ILE D 172 -18.39 18.77 -5.00
N LEU D 173 -17.95 17.57 -5.36
CA LEU D 173 -17.91 16.43 -4.46
C LEU D 173 -16.45 15.95 -4.31
N LEU D 174 -15.88 16.03 -3.11
CA LEU D 174 -14.57 15.47 -2.81
C LEU D 174 -14.75 14.14 -2.07
N ILE D 175 -14.23 13.05 -2.61
CA ILE D 175 -14.29 11.75 -1.94
C ILE D 175 -12.93 11.31 -1.44
N GLY D 176 -12.69 11.43 -0.13
CA GLY D 176 -11.41 11.03 0.46
C GLY D 176 -10.19 11.82 -0.02
N VAL D 177 -10.41 13.02 -0.56
CA VAL D 177 -9.35 13.90 -1.03
C VAL D 177 -9.55 15.29 -0.42
N GLY D 178 -8.50 16.09 -0.41
CA GLY D 178 -8.56 17.46 0.12
C GLY D 178 -8.74 18.54 -0.92
N TYR D 179 -8.56 19.78 -0.50
CA TYR D 179 -8.78 20.90 -1.38
C TYR D 179 -7.68 21.11 -2.40
N ASP D 180 -6.54 20.44 -2.26
CA ASP D 180 -5.50 20.48 -3.32
C ASP D 180 -5.95 19.79 -4.60
N SER D 181 -6.95 18.94 -4.49
CA SER D 181 -7.54 18.31 -5.64
C SER D 181 -8.73 19.09 -6.20
N ASN D 182 -9.08 20.25 -5.60
CA ASN D 182 -10.31 20.96 -6.02
C ASN D 182 -10.07 21.85 -7.26
N THR D 183 -10.14 21.25 -8.44
CA THR D 183 -9.82 21.97 -9.71
C THR D 183 -10.55 23.34 -9.89
N SER D 184 -11.81 23.39 -9.47
CA SER D 184 -12.64 24.59 -9.58
C SER D 184 -12.00 25.84 -9.03
N VAL D 185 -11.17 25.74 -7.99
CA VAL D 185 -10.46 26.92 -7.48
C VAL D 185 -9.51 27.55 -8.54
N GLY D 186 -9.13 26.81 -9.56
CA GLY D 186 -8.41 27.43 -10.68
C GLY D 186 -9.18 28.56 -11.32
N LEU D 187 -10.49 28.39 -11.42
CA LEU D 187 -11.30 29.48 -11.96
C LEU D 187 -11.20 30.72 -11.09
N SER D 188 -11.13 30.55 -9.77
CA SER D 188 -10.82 31.65 -8.86
C SER D 188 -9.50 32.34 -9.16
N GLU D 189 -8.46 31.55 -9.42
CA GLU D 189 -7.14 32.08 -9.74
C GLU D 189 -7.17 32.96 -11.00
N VAL D 190 -7.78 32.44 -12.07
CA VAL D 190 -7.96 33.20 -13.30
C VAL D 190 -8.71 34.50 -13.03
N ARG D 191 -9.83 34.38 -12.32
CA ARG D 191 -10.71 35.51 -12.07
C ARG D 191 -10.11 36.56 -11.19
N SER D 192 -9.21 36.18 -10.28
CA SER D 192 -8.64 37.16 -9.36
C SER D 192 -7.84 38.21 -10.10
N GLY D 193 -7.25 37.83 -11.24
CA GLY D 193 -6.37 38.71 -11.99
C GLY D 193 -5.11 38.97 -11.18
N ALA D 194 -4.98 38.21 -10.09
CA ALA D 194 -3.98 38.52 -9.04
C ALA D 194 -2.74 37.68 -9.21
N CYS D 195 -2.79 36.73 -10.14
CA CYS D 195 -1.75 35.71 -10.30
C CYS D 195 -1.07 35.83 -11.68
N GLU D 196 0.06 35.14 -11.85
CA GLU D 196 1.02 35.45 -12.91
C GLU D 196 0.95 34.43 -14.06
N LEU D 197 1.13 34.91 -15.29
CA LEU D 197 1.02 34.08 -16.50
C LEU D 197 2.30 33.31 -16.75
N ILE D 198 2.19 32.20 -17.47
CA ILE D 198 3.36 31.43 -17.91
C ILE D 198 3.14 30.88 -19.32
N LYS D 199 4.22 30.77 -20.07
CA LYS D 199 4.16 30.08 -21.35
C LYS D 199 4.16 28.58 -21.06
N VAL D 200 3.31 27.85 -21.76
CA VAL D 200 3.19 26.39 -21.57
C VAL D 200 3.22 25.76 -22.96
N GLY D 201 3.49 24.46 -23.00
CA GLY D 201 3.56 23.74 -24.26
C GLY D 201 2.86 22.41 -24.18
N ALA D 202 2.39 21.91 -25.32
CA ALA D 202 1.80 20.58 -25.39
C ALA D 202 1.63 20.19 -26.85
N PRO D 203 1.49 18.88 -27.09
CA PRO D 203 1.34 18.33 -28.41
C PRO D 203 -0.12 18.13 -28.72
N ILE D 204 -0.56 18.72 -29.84
CA ILE D 204 -1.94 18.60 -30.29
C ILE D 204 -1.98 18.12 -31.75
N ILE D 205 -3.18 17.74 -32.19
CA ILE D 205 -3.50 17.62 -33.64
C ILE D 205 -4.02 18.95 -34.21
N GLU D 206 -3.25 19.55 -35.10
CA GLU D 206 -3.68 20.74 -35.84
C GLU D 206 -3.54 20.48 -37.34
N ASN D 207 -4.55 20.88 -38.11
CA ASN D 207 -4.60 20.57 -39.54
C ASN D 207 -4.45 19.07 -39.74
N GLY D 208 -5.15 18.27 -38.93
CA GLY D 208 -5.03 16.81 -39.00
C GLY D 208 -3.62 16.30 -38.83
N GLU D 209 -2.79 17.08 -38.15
CA GLU D 209 -1.34 16.81 -38.04
C GLU D 209 -0.81 17.15 -36.65
N ARG D 210 0.16 16.34 -36.20
CA ARG D 210 0.79 16.54 -34.90
C ARG D 210 1.69 17.78 -34.91
N VAL D 211 1.48 18.66 -33.93
CA VAL D 211 2.40 19.78 -33.68
C VAL D 211 2.63 20.04 -32.19
N TRP D 212 3.84 20.42 -31.81
CA TRP D 212 4.10 20.96 -30.47
C TRP D 212 3.59 22.41 -30.44
N LYS D 213 2.53 22.66 -29.68
CA LYS D 213 1.89 23.97 -29.59
C LYS D 213 2.17 24.72 -28.28
N GLU D 214 2.55 25.99 -28.39
CA GLU D 214 2.76 26.84 -27.20
C GLU D 214 1.62 27.79 -27.00
N PHE D 215 1.32 28.08 -25.74
CA PHE D 215 0.15 28.89 -25.38
C PHE D 215 0.38 29.52 -24.00
N VAL D 216 -0.51 30.41 -23.54
CA VAL D 216 -0.32 30.99 -22.20
C VAL D 216 -1.34 30.43 -21.23
N ASP D 217 -0.93 30.32 -19.98
CA ASP D 217 -1.87 29.87 -18.97
C ASP D 217 -1.41 30.40 -17.64
N MSE D 218 -2.13 30.03 -16.58
CA MSE D 218 -1.76 30.33 -15.22
C MSE D 218 -0.85 29.25 -14.72
O MSE D 218 -1.02 28.08 -15.02
CB MSE D 218 -2.97 30.31 -14.28
CG MSE D 218 -4.03 31.32 -14.52
SE MSE D 218 -3.78 32.83 -13.36
CE MSE D 218 -2.89 34.04 -14.63
N ASP D 219 0.08 29.67 -13.88
CA ASP D 219 0.88 28.76 -13.11
C ASP D 219 0.01 28.43 -11.93
N TYR D 220 -0.96 27.52 -12.14
CA TYR D 220 -1.93 27.12 -11.11
C TYR D 220 -1.10 26.51 -9.98
N ASP D 221 -1.45 26.86 -8.75
CA ASP D 221 -0.70 26.44 -7.55
C ASP D 221 -1.70 25.90 -6.51
N SER D 222 -1.68 24.60 -6.32
CA SER D 222 -2.60 23.93 -5.42
C SER D 222 -2.29 24.09 -3.93
N ASP D 223 -1.14 24.63 -3.57
CA ASP D 223 -0.90 24.90 -2.15
C ASP D 223 -1.74 26.08 -1.63
N LYS D 224 -2.08 27.00 -2.52
CA LYS D 224 -3.00 28.07 -2.18
C LYS D 224 -4.44 27.58 -2.18
N PHE D 225 -4.73 26.55 -2.96
CA PHE D 225 -6.04 25.89 -2.92
C PHE D 225 -6.28 25.32 -1.50
N VAL D 226 -5.26 24.74 -0.90
CA VAL D 226 -5.38 24.15 0.42
C VAL D 226 -5.61 25.23 1.50
N GLU D 227 -4.93 26.36 1.36
CA GLU D 227 -5.14 27.47 2.28
C GLU D 227 -6.58 27.99 2.18
N ILE D 228 -7.04 28.13 0.95
CA ILE D 228 -8.39 28.59 0.69
C ILE D 228 -9.45 27.65 1.31
N GLY D 229 -9.19 26.35 1.23
CA GLY D 229 -10.06 25.30 1.77
C GLY D 229 -10.30 25.38 3.28
N VAL D 230 -9.20 25.46 4.04
CA VAL D 230 -9.26 25.60 5.50
C VAL D 230 -10.11 26.81 5.89
N GLU D 231 -9.92 27.93 5.19
CA GLU D 231 -10.63 29.18 5.57
C GLU D 231 -12.10 29.06 5.17
N PHE D 232 -12.32 28.49 4.00
CA PHE D 232 -13.65 28.31 3.49
C PHE D 232 -14.49 27.45 4.42
N GLU D 233 -13.91 26.41 5.00
CA GLU D 233 -14.69 25.57 5.88
C GLU D 233 -14.99 26.24 7.23
N GLN D 234 -14.17 27.21 7.63
CA GLN D 234 -14.47 28.07 8.78
C GLN D 234 -15.61 29.01 8.51
N LYS D 235 -15.75 29.44 7.25
CA LYS D 235 -16.59 30.58 6.88
C LYS D 235 -17.78 30.20 6.01
N GLY D 236 -17.59 29.27 5.08
CA GLY D 236 -18.60 28.94 4.09
C GLY D 236 -19.35 27.67 4.40
N THR D 237 -20.18 27.28 3.44
CA THR D 237 -21.07 26.14 3.57
C THR D 237 -20.50 24.91 2.90
N VAL D 238 -20.28 23.86 3.69
CA VAL D 238 -19.79 22.58 3.21
C VAL D 238 -20.42 21.45 4.01
N THR D 239 -20.95 20.46 3.30
CA THR D 239 -21.56 19.31 3.91
C THR D 239 -20.52 18.21 3.97
N MSE D 240 -20.42 17.60 5.14
CA MSE D 240 -19.47 16.53 5.37
C MSE D 240 -20.19 15.25 5.79
O MSE D 240 -21.14 15.28 6.53
CB MSE D 240 -18.49 16.96 6.44
CG MSE D 240 -17.97 18.32 6.13
SE MSE D 240 -16.24 18.55 6.85
CE MSE D 240 -16.41 20.44 7.38
N GLY D 241 -19.69 14.15 5.28
CA GLY D 241 -20.27 12.84 5.57
C GLY D 241 -19.31 11.83 5.03
N LYS D 242 -19.57 10.56 5.30
CA LYS D 242 -18.65 9.49 4.97
C LYS D 242 -19.15 8.60 3.83
N ILE D 243 -18.25 8.14 2.98
CA ILE D 243 -18.53 7.06 2.04
C ILE D 243 -17.54 5.97 2.36
N GLY D 244 -18.02 4.88 2.96
CA GLY D 244 -17.15 3.93 3.62
C GLY D 244 -16.30 4.63 4.68
N ASN D 245 -14.98 4.48 4.57
CA ASN D 245 -14.03 5.21 5.43
C ASN D 245 -13.70 6.60 4.91
N ALA D 246 -14.12 6.92 3.70
CA ALA D 246 -13.73 8.20 3.07
C ALA D 246 -14.44 9.39 3.69
N LYS D 247 -13.68 10.35 4.20
CA LYS D 247 -14.26 11.65 4.52
C LYS D 247 -14.59 12.47 3.26
N CYS D 248 -15.84 12.88 3.14
CA CYS D 248 -16.31 13.49 1.91
C CYS D 248 -16.87 14.88 2.14
N ARG D 249 -16.80 15.73 1.13
CA ARG D 249 -17.30 17.08 1.22
C ARG D 249 -18.14 17.36 0.00
N LEU D 250 -19.31 17.96 0.24
CA LEU D 250 -20.18 18.43 -0.81
C LEU D 250 -20.45 19.92 -0.63
N MSE D 251 -20.18 20.70 -1.68
CA MSE D 251 -20.34 22.14 -1.62
C MSE D 251 -20.79 22.69 -2.98
O MSE D 251 -20.59 22.05 -4.01
CB MSE D 251 -19.00 22.76 -1.24
CG MSE D 251 -17.97 22.74 -2.37
SE MSE D 251 -16.12 22.93 -1.71
CE MSE D 251 -15.89 21.09 -1.02
N LYS D 252 -21.37 23.88 -2.95
CA LYS D 252 -21.71 24.60 -4.15
C LYS D 252 -20.46 25.17 -4.77
N GLN D 253 -20.30 24.92 -6.06
CA GLN D 253 -19.12 25.40 -6.75
C GLN D 253 -19.08 26.91 -6.76
N ARG D 254 -20.24 27.58 -6.93
CA ARG D 254 -20.25 29.04 -6.96
C ARG D 254 -19.72 29.65 -5.64
N ASP D 255 -20.01 28.99 -4.51
CA ASP D 255 -19.63 29.47 -3.19
C ASP D 255 -18.12 29.42 -3.00
N ILE D 256 -17.49 28.30 -3.32
CA ILE D 256 -16.05 28.23 -3.14
C ILE D 256 -15.31 29.06 -4.21
N VAL D 257 -15.76 29.03 -5.45
CA VAL D 257 -15.13 29.90 -6.48
C VAL D 257 -15.20 31.39 -6.12
N ASP D 258 -16.36 31.85 -5.65
CA ASP D 258 -16.50 33.26 -5.26
C ASP D 258 -15.62 33.61 -4.06
N PHE D 259 -15.54 32.69 -3.10
CA PHE D 259 -14.71 32.89 -1.92
C PHE D 259 -13.23 32.97 -2.26
N GLY D 260 -12.80 32.05 -3.12
CA GLY D 260 -11.44 31.96 -3.56
C GLY D 260 -11.04 33.15 -4.37
N THR D 261 -11.95 33.64 -5.22
CA THR D 261 -11.68 34.84 -6.00
C THR D 261 -11.35 36.01 -5.05
N GLU D 262 -12.09 36.16 -3.97
CA GLU D 262 -11.86 37.22 -3.02
C GLU D 262 -10.56 37.00 -2.28
N TRP D 263 -10.34 35.75 -1.89
CA TRP D 263 -9.13 35.35 -1.18
C TRP D 263 -7.87 35.73 -1.97
N PHE D 264 -7.85 35.41 -3.25
CA PHE D 264 -6.71 35.76 -4.08
C PHE D 264 -6.53 37.27 -4.22
N ARG D 265 -7.63 37.99 -4.26
CA ARG D 265 -7.57 39.45 -4.32
C ARG D 265 -7.04 40.11 -3.04
N LYS D 266 -7.39 39.53 -1.90
CA LYS D 266 -6.94 39.88 -0.53
C LYS D 266 -8.07 40.51 0.27
N1A ACO E . 7.95 4.73 -19.30
C2A ACO E . 8.39 3.61 -18.67
N3A ACO E . 7.79 3.12 -17.58
C4A ACO E . 6.73 3.75 -17.07
C5A ACO E . 6.21 4.95 -17.69
C6A ACO E . 6.91 5.44 -18.87
N6A ACO E . 6.48 6.56 -19.49
N7A ACO E . 5.13 5.34 -17.00
C8A ACO E . 4.99 4.48 -16.00
N9A ACO E . 5.94 3.52 -16.05
C1B ACO E . 6.09 2.40 -15.12
C2B ACO E . 5.56 2.73 -13.74
O2B ACO E . 6.54 2.33 -12.80
C3B ACO E . 4.30 1.90 -13.62
O3B ACO E . 4.10 1.37 -12.32
P3B ACO E . 2.84 1.81 -11.41
O7A ACO E . 3.00 3.31 -11.36
O8A ACO E . 1.59 1.39 -12.12
O9A ACO E . 3.26 0.97 -10.22
C4B ACO E . 4.57 0.75 -14.55
O4B ACO E . 5.37 1.29 -15.60
C5B ACO E . 3.29 0.12 -15.09
O5B ACO E . 3.63 -0.78 -16.13
P1A ACO E . 3.03 -2.27 -16.14
O1A ACO E . 1.58 -2.10 -15.86
O2A ACO E . 3.59 -3.04 -17.28
O3A ACO E . 3.67 -2.90 -14.78
P2A ACO E . 5.11 -3.58 -14.61
O4A ACO E . 5.44 -3.40 -13.18
O5A ACO E . 6.10 -3.09 -15.64
O6A ACO E . 4.83 -5.15 -14.82
CBP ACO E . 3.07 -6.85 -14.96
CCP ACO E . 3.78 -5.83 -14.09
CDP ACO E . 2.14 -6.07 -15.88
CEP ACO E . 2.29 -7.80 -14.04
CAP ACO E . 4.09 -7.66 -15.79
OAP ACO E . 5.12 -8.13 -14.90
C9P ACO E . 3.53 -8.84 -16.52
O9P ACO E . 3.53 -9.96 -16.05
N8P ACO E . 3.06 -8.64 -17.73
C7P ACO E . 2.53 -9.74 -18.51
C6P ACO E . 1.06 -9.92 -18.16
C5P ACO E . 0.41 -11.04 -18.93
O5P ACO E . 0.40 -11.03 -20.17
N4P ACO E . -0.16 -11.98 -18.20
C3P ACO E . -0.82 -13.15 -18.76
C2P ACO E . -1.73 -13.79 -17.75
S1P ACO E . -0.81 -15.01 -16.90
C ACO E . -0.88 -16.35 -17.89
O ACO E . -1.89 -16.54 -18.56
CH3 ACO E . 0.29 -17.27 -17.96
N3 CYT F . -7.40 -12.72 -4.78
C4 CYT F . -8.20 -11.67 -4.99
N1 CYT F . -7.86 -13.41 -7.03
C2 CYT F . -7.21 -13.61 -5.79
O2 CYT F . -6.50 -14.60 -5.66
N4 CYT F . -8.40 -10.82 -3.98
C5 CYT F . -8.85 -11.43 -6.24
C6 CYT F . -8.65 -12.32 -7.21
MG MG G . -24.88 0.12 -17.22
N1A ACO H . 0.59 -5.41 30.82
C2A ACO H . 1.27 -4.46 31.47
N3A ACO H . 2.54 -4.14 31.20
C4A ACO H . 3.18 -4.72 30.18
C5A ACO H . 2.51 -5.77 29.43
C6A ACO H . 1.14 -6.08 29.81
N6A ACO H . 0.43 -7.02 29.15
N7A ACO H . 3.39 -6.19 28.49
C8A ACO H . 4.55 -5.51 28.67
N9A ACO H . 4.40 -4.63 29.69
C1B ACO H . 5.41 -3.68 30.18
C2B ACO H . 6.85 -4.16 30.07
O2B ACO H . 7.46 -3.70 31.27
C3B ACO H . 7.42 -3.41 28.89
O3B ACO H . 8.77 -3.04 29.10
P3B ACO H . 9.91 -3.78 28.27
O7A ACO H . 11.12 -3.09 28.82
O8A ACO H . 9.75 -5.23 28.68
O9A ACO H . 9.55 -3.50 26.85
C4B ACO H . 6.57 -2.15 28.83
O4B ACO H . 5.31 -2.55 29.33
C5B ACO H . 6.42 -1.48 27.47
O5B ACO H . 5.61 -0.30 27.71
P1A ACO H . 6.09 1.14 27.25
O1A ACO H . 4.94 2.07 27.50
O2A ACO H . 6.71 1.01 25.93
O3A ACO H . 7.31 1.42 28.28
P2A ACO H . 7.27 1.96 29.81
O4A ACO H . 8.57 1.51 30.38
O5A ACO H . 6.00 1.62 30.53
O6A ACO H . 7.27 3.54 29.60
CBP ACO H . 8.09 5.36 28.22
CCP ACO H . 8.48 4.15 29.09
CDP ACO H . 7.26 4.85 27.05
CEP ACO H . 9.33 6.04 27.65
CAP ACO H . 7.22 6.32 29.04
OAP ACO H . 7.89 6.61 30.28
C9P ACO H . 6.89 7.60 28.32
O9P ACO H . 7.63 8.55 28.45
N8P ACO H . 5.77 7.64 27.59
C7P ACO H . 5.29 8.81 26.89
C6P ACO H . 6.11 9.09 25.63
C5P ACO H . 5.59 10.32 24.93
O5P ACO H . 4.42 10.47 24.57
N4P ACO H . 6.51 11.23 24.72
C3P ACO H . 6.26 12.35 23.85
C2P ACO H . 7.60 12.85 23.36
S1P ACO H . 8.26 13.89 24.61
C ACO H . 7.88 15.44 24.09
O ACO H . 7.39 15.59 22.96
CH3 ACO H . 8.15 16.63 24.97
N3 CYT I . 21.22 9.93 20.38
C4 CYT I . 21.00 8.95 19.50
N1 CYT I . 19.14 10.99 19.74
C2 CYT I . 20.33 10.93 20.53
O2 CYT I . 20.57 11.83 21.33
N4 CYT I . 21.92 8.00 19.40
C5 CYT I . 19.81 8.95 18.69
C6 CYT I . 18.93 9.96 18.85
MG MG J . -0.11 1.30 8.53
N1 EPE K . 17.21 27.81 5.84
C2 EPE K . 18.67 27.97 5.93
C3 EPE K . 19.37 26.77 5.35
N4 EPE K . 18.60 25.49 5.26
C5 EPE K . 17.39 25.39 6.11
C6 EPE K . 16.81 26.68 6.67
C7 EPE K . 18.42 24.99 3.86
C8 EPE K . 19.62 25.25 2.94
O8 EPE K . 20.63 24.31 3.24
C9 EPE K . 16.58 29.04 6.34
C10 EPE K . 15.95 29.76 5.17
S EPE K . 14.23 29.26 4.91
O1S EPE K . 13.39 30.44 4.72
O2S EPE K . 13.78 28.49 6.07
O3S EPE K . 14.16 28.39 3.73
MG MG L . -11.89 -3.97 15.60
N1A ACO M . 21.72 -1.18 15.61
C2A ACO M . 21.96 -2.29 16.35
N3A ACO M . 21.26 -2.63 17.43
C4A ACO M . 20.22 -1.84 17.82
C5A ACO M . 19.88 -0.64 17.07
C6A ACO M . 20.71 -0.34 15.90
N6A ACO M . 20.52 0.74 15.12
N7A ACO M . 18.84 -0.09 17.69
C8A ACO M . 18.51 -0.85 18.74
N9A ACO M . 19.35 -1.91 18.80
C1B ACO M . 19.39 -3.02 19.77
C2B ACO M . 18.77 -2.66 21.12
O2B ACO M . 19.74 -3.11 22.06
C3B ACO M . 17.48 -3.44 21.15
O3B ACO M . 17.12 -3.88 22.44
P3B ACO M . 15.98 -3.09 23.25
O7A ACO M . 15.75 -4.02 24.39
O8A ACO M . 16.65 -1.78 23.54
O9A ACO M . 14.87 -2.96 22.23
C4B ACO M . 17.74 -4.62 20.22
O4B ACO M . 18.64 -4.10 19.24
C5B ACO M . 16.48 -5.16 19.54
O5B ACO M . 16.88 -6.22 18.68
P1A ACO M . 16.18 -7.65 18.85
O1A ACO M . 16.68 -8.49 17.72
O2A ACO M . 14.70 -7.45 18.99
O3A ACO M . 16.74 -8.17 20.26
P2A ACO M . 18.11 -8.96 20.56
O4A ACO M . 18.26 -8.77 22.04
O5A ACO M . 19.17 -8.56 19.55
O6A ACO M . 17.72 -10.50 20.34
CBP ACO M . 15.87 -12.14 20.25
CCP ACO M . 16.62 -11.09 21.06
CDP ACO M . 15.02 -11.43 19.20
CEP ACO M . 15.04 -12.99 21.21
CAP ACO M . 16.88 -13.04 19.54
OAP ACO M . 17.82 -13.43 20.55
C9P ACO M . 16.25 -14.26 18.92
O9P ACO M . 16.14 -15.30 19.54
N8P ACO M . 15.87 -14.11 17.66
C7P ACO M . 15.29 -15.19 16.88
C6P ACO M . 13.82 -15.32 17.25
C5P ACO M . 13.18 -16.35 16.34
O5P ACO M . 13.21 -16.26 15.10
N4P ACO M . 12.54 -17.32 16.98
C3P ACO M . 11.74 -18.31 16.29
C2P ACO M . 10.79 -18.94 17.29
S1P ACO M . 11.77 -20.03 18.27
C ACO M . 11.53 -21.53 17.56
O ACO M . 10.86 -21.57 16.55
CH3 ACO M . 12.11 -22.78 18.16
N3 CYT N . 4.02 -17.28 29.81
C4 CYT N . 3.38 -16.16 29.44
N1 CYT N . 3.97 -18.02 27.54
C2 CYT N . 4.35 -18.23 28.87
O2 CYT N . 4.93 -19.28 29.15
N4 CYT N . 3.10 -15.24 30.37
C5 CYT N . 2.99 -15.93 28.08
C6 CYT N . 3.31 -16.87 27.18
C1 CPS O . -10.91 -29.21 21.09
C2 CPS O . -10.53 -30.70 21.16
C3 CPS O . -9.87 -31.04 18.73
C4 CPS O . -10.34 -31.69 17.44
C5 CPS O . -10.13 -33.21 17.49
C6 CPS O . -10.28 -33.78 18.92
C7 CPS O . -10.82 -35.20 18.71
C8 CPS O . -11.08 -35.40 17.22
C9 CPS O . -11.16 -33.98 16.64
C10 CPS O . -8.69 -33.53 17.11
C11 CPS O . -9.06 -30.87 21.55
C12 CPS O . -12.37 -28.85 21.45
C13 CPS O . -13.01 -29.74 22.53
C14 CPS O . -11.93 -30.54 23.27
C15 CPS O . -11.44 -31.42 22.15
C16 CPS O . -10.85 -32.77 22.50
C17 CPS O . -11.23 -33.59 21.27
C18 CPS O . -11.15 -32.93 19.87
C19 CPS O . -10.86 -31.39 19.83
C20 CPS O . -11.19 -33.90 15.07
C21 CPS O . -11.23 -35.28 14.38
C22 CPS O . -10.19 -32.96 14.35
C23 CPS O . -9.05 -33.71 13.62
C24 CPS O . -8.10 -32.80 12.83
C25 CPS O . -6.15 -33.10 14.38
C26 CPS O . -5.53 -34.48 14.23
C27 CPS O . -6.34 -35.43 13.35
C28 CPS O . -6.61 -37.56 12.33
C29 CPS O . -6.68 -37.40 14.70
C30 CPS O . -4.58 -37.13 13.47
C31 CPS O . -3.91 -37.06 14.85
C32 CPS O . -2.61 -37.86 14.87
N1 CPS O . -6.81 -32.60 13.18
N2 CPS O . -6.03 -36.87 13.49
O1 CPS O . -8.55 -32.24 11.83
O2 CPS O . -13.81 -28.97 23.42
O3 CPS O . -12.63 -33.88 21.42
O4 CPS O . -11.73 -31.37 17.24
O2S CPS O . -1.77 -35.72 13.67
O3S CPS O . -1.69 -37.84 12.48
O1S CPS O . -0.15 -37.44 14.29
S CPS O . -1.53 -37.18 13.79
N1A ACO P . -11.54 -1.42 -3.33
C2A ACO P . -10.91 -0.41 -2.72
N3A ACO P . -9.71 0.04 -3.08
C4A ACO P . -9.08 -0.54 -4.13
C5A ACO P . -9.73 -1.61 -4.88
C6A ACO P . -11.04 -2.04 -4.40
N6A ACO P . -11.74 -3.02 -5.01
N7A ACO P . -8.89 -1.96 -5.87
C8A ACO P . -7.79 -1.17 -5.77
N9A ACO P . -7.91 -0.32 -4.72
C1B ACO P . -6.94 0.70 -4.27
C2B ACO P . -5.48 0.30 -4.44
O2B ACO P . -4.80 0.67 -3.25
C3B ACO P . -4.99 1.14 -5.60
O3B ACO P . -3.65 1.53 -5.40
P3B ACO P . -2.47 0.96 -6.33
O7A ACO P . -1.30 1.63 -5.65
O8A ACO P . -2.59 -0.54 -6.12
O9A ACO P . -2.84 1.38 -7.74
C4B ACO P . -5.91 2.36 -5.54
O4B ACO P . -7.14 1.87 -5.02
C5B ACO P . -6.21 3.08 -6.86
O5B ACO P . -7.17 4.14 -6.62
P1A ACO P . -6.81 5.67 -6.93
O1A ACO P . -7.96 6.54 -6.54
O2A ACO P . -6.29 5.61 -8.33
O3A ACO P . -5.54 5.90 -5.99
P2A ACO P . -5.52 6.41 -4.45
O4A ACO P . -4.15 6.03 -4.01
O5A ACO P . -6.72 5.99 -3.64
O6A ACO P . -5.60 8.02 -4.60
CBP ACO P . -5.04 10.02 -5.95
CCP ACO P . -4.54 8.76 -5.23
CDP ACO P . -3.88 10.90 -6.40
CEP ACO P . -5.82 9.55 -7.18
CAP ACO P . -5.96 10.83 -5.03
OAP ACO P . -5.34 11.16 -3.79
C9P ACO P . -6.38 12.13 -5.61
O9P ACO P . -5.76 13.15 -5.37
N8P ACO P . -7.47 12.15 -6.36
C7P ACO P . -7.99 13.38 -6.86
C6P ACO P . -7.23 13.80 -8.10
C5P ACO P . -7.97 14.93 -8.75
O5P ACO P . -9.17 14.84 -8.93
N4P ACO P . -7.19 15.95 -9.09
C3P ACO P . -7.66 17.12 -9.79
C2P ACO P . -6.49 17.78 -10.49
S1P ACO P . -5.54 18.63 -9.26
C ACO P . -5.78 20.26 -9.54
O ACO P . -6.80 20.56 -10.13
CH3 ACO P . -4.76 21.28 -9.09
N3 CYT Q . 6.96 15.34 -13.91
C4 CYT Q . 6.65 14.49 -14.90
N1 CYT Q . 4.95 16.60 -14.38
C2 CYT Q . 6.13 16.39 -13.63
O2 CYT Q . 6.40 17.17 -12.72
N4 CYT Q . 7.48 13.48 -15.16
C5 CYT Q . 5.45 14.67 -15.68
C6 CYT Q . 4.66 15.70 -15.38
MG MG R . -14.64 6.45 -25.13
#